data_3C5S
#
_entry.id   3C5S
#
_cell.length_a   47.260
_cell.length_b   59.830
_cell.length_c   74.380
_cell.angle_alpha   77.530
_cell.angle_beta   83.970
_cell.angle_gamma   80.890
#
_symmetry.space_group_name_H-M   'P 1'
#
loop_
_entity.id
_entity.type
_entity.pdbx_description
1 polymer 'Fab F22-4 light chain'
2 polymer 'Fab F22-4 heavy chain'
3 water water
#
loop_
_entity_poly.entity_id
_entity_poly.type
_entity_poly.pdbx_seq_one_letter_code
_entity_poly.pdbx_strand_id
1 'polypeptide(L)'
;DIVMTQAAFSNPVTLGTSASISCRSSKSLLHSDGITYLYWYLQKPGQSPHLLIYHLSNLASGVPDRFSSSGSGTDFTLRI
SRVEAEDVGIYYCAHNVELPRTFGGGTKLEIKRADAAPTVSIFPPSSEQLTSGGASVVCFLNNFYPKDINVKWKIDGSER
QNGVLNSWTDQDSKDSTYSMSSTLTLTKDEYERHNSYTCEATHKTSTSPIVKSFNRNEC
;
A,C
2 'polypeptide(L)'
;EVKVEESGGGLVQPGGSMKISCVVSGLTFSNYWMSWVRQSPEKGLEWVAEIRLKSDNYATYYAESVKGKFTISRDDSKSR
LYLQMNNLRTEDTGIYYCFLPMDYWGQGTSVTVSSAKTTPPSVYPLAPGSAAQTNSMVTLGCLVKGYFPEPVTVTWNSGS
LSSGVHTFPAVLQSDLYTLSSSVTVPSSTWPSETVTCNVAHPASSTKVDKKIVPRDC
;
B,D
#
# COMPACT_ATOMS: atom_id res chain seq x y z
N ASP A 1 -38.81 1.72 26.28
CA ASP A 1 -37.67 2.35 25.54
C ASP A 1 -37.75 2.07 24.04
N ILE A 2 -37.13 2.92 23.23
CA ILE A 2 -37.34 2.86 21.78
C ILE A 2 -36.61 1.68 21.14
N VAL A 3 -37.36 0.89 20.37
CA VAL A 3 -36.80 -0.21 19.60
C VAL A 3 -36.54 0.31 18.19
N MET A 4 -35.28 0.22 17.78
CA MET A 4 -34.84 0.62 16.46
C MET A 4 -34.62 -0.67 15.71
N THR A 5 -35.39 -0.90 14.64
CA THR A 5 -35.31 -2.15 13.93
C THR A 5 -34.65 -2.04 12.56
N GLN A 6 -33.60 -2.82 12.37
CA GLN A 6 -33.02 -3.02 11.05
C GLN A 6 -32.65 -4.46 10.82
N ALA A 7 -32.59 -4.84 9.55
CA ALA A 7 -32.21 -6.19 9.15
C ALA A 7 -30.71 -6.36 9.31
N ALA A 8 -30.26 -7.59 9.44
CA ALA A 8 -28.86 -7.83 9.69
C ALA A 8 -28.01 -7.68 8.44
N PHE A 9 -28.63 -7.93 7.27
CA PHE A 9 -27.93 -7.92 5.98
C PHE A 9 -28.68 -7.09 4.98
N SER A 10 -27.95 -6.22 4.27
CA SER A 10 -28.53 -5.50 3.13
C SER A 10 -28.76 -6.45 1.96
N ASN A 11 -29.63 -6.06 1.03
CA ASN A 11 -29.58 -6.64 -0.31
C ASN A 11 -28.18 -6.45 -0.88
N PRO A 12 -27.57 -7.49 -1.46
CA PRO A 12 -26.21 -7.30 -1.94
C PRO A 12 -26.12 -6.32 -3.11
N VAL A 13 -24.97 -5.70 -3.27
CA VAL A 13 -24.87 -4.59 -4.19
C VAL A 13 -23.54 -4.64 -4.91
N THR A 14 -23.63 -4.60 -6.24
CA THR A 14 -22.50 -4.49 -7.12
C THR A 14 -21.81 -3.12 -7.00
N LEU A 15 -20.49 -3.09 -7.13
CA LEU A 15 -19.77 -1.81 -7.08
C LEU A 15 -20.24 -0.86 -8.16
N GLY A 16 -20.34 0.43 -7.81
CA GLY A 16 -20.87 1.45 -8.72
C GLY A 16 -22.38 1.55 -8.76
N THR A 17 -23.08 0.62 -8.11
CA THR A 17 -24.54 0.67 -8.09
C THR A 17 -24.98 1.17 -6.71
N SER A 18 -26.28 1.40 -6.57
CA SER A 18 -26.80 2.11 -5.41
C SER A 18 -27.29 1.12 -4.35
N ALA A 19 -27.03 1.45 -3.09
CA ALA A 19 -27.47 0.66 -1.94
C ALA A 19 -28.52 1.41 -1.11
N SER A 20 -29.37 0.65 -0.42
CA SER A 20 -30.26 1.23 0.56
C SER A 20 -30.25 0.39 1.85
N ILE A 21 -30.39 1.08 2.98
CA ILE A 21 -30.50 0.43 4.28
C ILE A 21 -31.66 1.06 5.03
N SER A 22 -32.62 0.21 5.41
CA SER A 22 -33.84 0.58 6.09
C SER A 22 -33.74 0.51 7.60
N CYS A 23 -34.47 1.40 8.26
CA CYS A 23 -34.58 1.38 9.70
C CYS A 23 -35.97 1.86 10.08
N ARG A 24 -36.49 1.31 11.15
CA ARG A 24 -37.77 1.74 11.69
C ARG A 24 -37.67 2.03 13.20
N SER A 25 -38.27 3.13 13.62
CA SER A 25 -38.37 3.44 15.05
C SER A 25 -39.77 3.11 15.60
N SER A 26 -39.83 2.67 16.87
CA SER A 26 -41.10 2.35 17.54
C SER A 26 -41.86 3.61 17.97
N LYS A 27 -41.15 4.73 18.04
CA LYS A 27 -41.73 6.02 18.38
C LYS A 27 -41.29 7.00 17.30
N SER A 28 -42.15 7.95 16.95
CA SER A 28 -41.83 8.88 15.89
C SER A 28 -40.74 9.84 16.39
N LEU A 29 -39.80 10.15 15.53
CA LEU A 29 -38.66 10.95 15.92
C LEU A 29 -38.77 12.33 15.34
N LEU A 30 -39.88 12.58 14.67
CA LEU A 30 -40.16 13.88 14.06
C LEU A 30 -40.85 14.75 15.07
N HIS A 31 -40.28 15.91 15.35
CA HIS A 31 -40.85 16.85 16.30
C HIS A 31 -41.47 18.09 15.65
N SER A 32 -42.08 18.93 16.48
CA SER A 32 -42.81 20.11 16.02
C SER A 32 -41.89 21.11 15.35
N ASP A 33 -40.59 21.05 15.65
CA ASP A 33 -39.65 21.96 14.99
C ASP A 33 -39.39 21.55 13.53
N GLY A 34 -40.04 20.49 13.07
CA GLY A 34 -39.80 20.02 11.69
C GLY A 34 -38.53 19.17 11.53
N ILE A 35 -37.88 18.86 12.65
CA ILE A 35 -36.63 18.08 12.65
C ILE A 35 -36.87 16.65 13.09
N THR A 36 -36.24 15.69 12.40
CA THR A 36 -36.35 14.29 12.78
C THR A 36 -35.03 13.82 13.40
N TYR A 37 -35.08 13.37 14.65
CA TYR A 37 -33.89 13.12 15.43
C TYR A 37 -33.35 11.69 15.23
N LEU A 38 -32.99 11.42 13.98
CA LEU A 38 -32.49 10.15 13.55
C LEU A 38 -31.06 10.31 13.07
N TYR A 39 -30.21 9.34 13.42
CA TYR A 39 -28.79 9.39 13.12
C TYR A 39 -28.36 8.05 12.53
N TRP A 40 -27.32 8.09 11.70
CA TRP A 40 -26.75 6.90 11.07
C TRP A 40 -25.27 6.90 11.38
N TYR A 41 -24.77 5.72 11.71
CA TYR A 41 -23.34 5.47 11.95
C TYR A 41 -22.87 4.31 11.10
N LEU A 42 -21.62 4.40 10.65
CA LEU A 42 -20.96 3.27 10.01
C LEU A 42 -19.87 2.73 10.92
N GLN A 43 -19.79 1.42 11.02
CA GLN A 43 -18.68 0.82 11.76
C GLN A 43 -17.98 -0.05 10.77
N LYS A 44 -16.85 0.48 10.31
CA LYS A 44 -15.96 -0.20 9.40
C LYS A 44 -15.22 -1.30 10.15
N PRO A 45 -14.85 -2.38 9.44
CA PRO A 45 -14.22 -3.51 10.12
C PRO A 45 -12.97 -3.10 10.93
N GLY A 46 -12.91 -3.53 12.19
CA GLY A 46 -11.77 -3.21 13.07
C GLY A 46 -11.87 -1.90 13.84
N GLN A 47 -12.84 -1.05 13.49
CA GLN A 47 -12.88 0.32 13.94
C GLN A 47 -14.11 0.57 14.82
N SER A 48 -14.17 1.77 15.40
CA SER A 48 -15.32 2.20 16.15
C SER A 48 -16.41 2.75 15.18
N PRO A 49 -17.66 2.89 15.65
CA PRO A 49 -18.67 3.61 14.85
C PRO A 49 -18.23 5.06 14.53
N HIS A 50 -18.66 5.58 13.38
CA HIS A 50 -18.49 6.99 13.05
C HIS A 50 -19.80 7.49 12.44
N LEU A 51 -20.10 8.74 12.78
CA LEU A 51 -21.31 9.43 12.33
C LEU A 51 -21.31 9.67 10.83
N LEU A 52 -22.43 9.33 10.20
CA LEU A 52 -22.63 9.60 8.78
C LEU A 52 -23.65 10.71 8.53
N ILE A 53 -24.81 10.59 9.18
CA ILE A 53 -25.95 11.47 9.00
C ILE A 53 -26.52 11.86 10.35
N TYR A 54 -26.85 13.13 10.50
CA TYR A 54 -27.56 13.60 11.69
C TYR A 54 -28.84 14.31 11.30
N HIS A 55 -29.81 14.29 12.21
CA HIS A 55 -31.12 14.86 11.95
C HIS A 55 -31.67 14.38 10.60
N LEU A 56 -31.70 13.07 10.45
CA LEU A 56 -32.32 12.39 9.30
C LEU A 56 -31.58 12.54 7.95
N SER A 57 -31.25 13.76 7.54
CA SER A 57 -30.81 14.02 6.16
C SER A 57 -29.52 14.84 6.02
N ASN A 58 -28.96 15.28 7.13
CA ASN A 58 -27.73 16.07 7.09
C ASN A 58 -26.48 15.22 7.07
N LEU A 59 -25.59 15.55 6.14
CA LEU A 59 -24.36 14.83 5.90
C LEU A 59 -23.32 15.30 6.92
N ALA A 60 -22.67 14.34 7.59
CA ALA A 60 -21.67 14.68 8.60
C ALA A 60 -20.36 15.11 7.97
N SER A 61 -19.57 15.86 8.74
CA SER A 61 -18.34 16.42 8.21
C SER A 61 -17.41 15.32 7.68
N GLY A 62 -16.90 15.52 6.47
CA GLY A 62 -15.98 14.57 5.84
C GLY A 62 -16.60 13.26 5.34
N VAL A 63 -17.92 13.18 5.28
CA VAL A 63 -18.58 11.97 4.78
C VAL A 63 -18.85 12.14 3.28
N PRO A 64 -18.50 11.13 2.46
CA PRO A 64 -18.74 11.25 1.02
C PRO A 64 -20.18 11.66 0.68
N ASP A 65 -20.32 12.46 -0.36
CA ASP A 65 -21.62 13.01 -0.77
C ASP A 65 -22.57 11.95 -1.29
N ARG A 66 -22.04 10.77 -1.58
CA ARG A 66 -22.84 9.64 -2.09
C ARG A 66 -23.81 9.05 -1.04
N PHE A 67 -23.60 9.38 0.22
CA PHE A 67 -24.48 8.99 1.31
C PHE A 67 -25.58 10.00 1.52
N SER A 68 -26.77 9.52 1.85
CA SER A 68 -27.89 10.36 2.10
C SER A 68 -28.94 9.55 2.85
N SER A 69 -29.92 10.24 3.37
CA SER A 69 -30.97 9.58 4.13
C SER A 69 -32.20 10.43 4.04
N SER A 70 -33.34 9.78 4.23
CA SER A 70 -34.61 10.45 4.16
C SER A 70 -35.61 9.54 4.83
N GLY A 71 -36.78 10.09 5.13
CA GLY A 71 -37.85 9.26 5.72
C GLY A 71 -38.88 10.10 6.43
N SER A 72 -39.82 9.40 7.06
CA SER A 72 -40.81 9.98 7.93
C SER A 72 -40.24 10.01 9.34
N GLY A 73 -41.09 10.23 10.33
CA GLY A 73 -40.66 10.15 11.72
C GLY A 73 -40.37 8.74 12.21
N THR A 74 -40.85 7.72 11.50
CA THR A 74 -40.71 6.34 11.96
C THR A 74 -40.01 5.40 11.01
N ASP A 75 -39.97 5.73 9.72
CA ASP A 75 -39.33 4.88 8.68
C ASP A 75 -38.25 5.64 7.96
N PHE A 76 -37.06 5.07 7.93
CA PHE A 76 -35.89 5.79 7.38
C PHE A 76 -35.14 4.90 6.42
N THR A 77 -34.53 5.51 5.40
CA THR A 77 -33.69 4.79 4.48
C THR A 77 -32.39 5.57 4.27
N LEU A 78 -31.28 4.93 4.62
CA LEU A 78 -29.96 5.39 4.23
C LEU A 78 -29.68 4.90 2.81
N ARG A 79 -29.22 5.78 1.92
CA ARG A 79 -28.90 5.42 0.56
C ARG A 79 -27.45 5.76 0.25
N ILE A 80 -26.81 4.85 -0.46
CA ILE A 80 -25.42 5.04 -0.92
C ILE A 80 -25.35 4.83 -2.42
N SER A 81 -25.21 5.91 -3.16
CA SER A 81 -25.01 5.81 -4.61
C SER A 81 -23.57 5.39 -4.91
N ARG A 82 -23.43 4.76 -6.06
CA ARG A 82 -22.14 4.35 -6.62
C ARG A 82 -21.22 3.79 -5.55
N VAL A 83 -21.65 2.64 -5.03
CA VAL A 83 -21.01 2.02 -3.89
C VAL A 83 -19.59 1.63 -4.20
N GLU A 84 -18.70 2.00 -3.28
CA GLU A 84 -17.28 1.65 -3.35
C GLU A 84 -16.94 0.54 -2.35
N ALA A 85 -15.88 -0.19 -2.64
CA ALA A 85 -15.48 -1.31 -1.78
C ALA A 85 -15.20 -0.88 -0.33
N GLU A 86 -14.76 0.38 -0.15
CA GLU A 86 -14.53 0.95 1.19
C GLU A 86 -15.81 1.26 2.00
N ASP A 87 -16.96 1.32 1.35
CA ASP A 87 -18.24 1.50 2.07
C ASP A 87 -18.66 0.28 2.90
N VAL A 88 -17.96 -0.84 2.74
CA VAL A 88 -18.32 -2.06 3.45
C VAL A 88 -18.22 -1.85 4.97
N GLY A 89 -19.12 -2.50 5.69
CA GLY A 89 -19.23 -2.27 7.13
C GLY A 89 -20.63 -2.52 7.63
N ILE A 90 -20.83 -2.17 8.89
CA ILE A 90 -22.10 -2.32 9.58
C ILE A 90 -22.63 -0.93 9.86
N TYR A 91 -23.87 -0.68 9.41
CA TYR A 91 -24.53 0.62 9.49
C TYR A 91 -25.59 0.59 10.57
N TYR A 92 -25.53 1.54 11.50
CA TYR A 92 -26.46 1.58 12.67
C TYR A 92 -27.35 2.81 12.62
N CYS A 93 -28.65 2.64 12.88
CA CYS A 93 -29.53 3.79 13.13
C CYS A 93 -29.61 4.07 14.65
N ALA A 94 -29.93 5.30 15.02
CA ALA A 94 -30.05 5.69 16.44
C ALA A 94 -30.88 6.93 16.54
N HIS A 95 -31.42 7.18 17.74
CA HIS A 95 -32.24 8.37 18.01
C HIS A 95 -31.58 9.07 19.16
N ASN A 96 -31.99 10.30 19.42
CA ASN A 96 -31.74 10.95 20.74
C ASN A 96 -32.94 11.74 21.22
N VAL A 97 -34.05 11.06 21.43
CA VAL A 97 -35.28 11.68 21.93
C VAL A 97 -35.66 11.26 23.33
N GLU A 98 -34.92 10.31 23.89
CA GLU A 98 -35.08 9.92 25.28
C GLU A 98 -33.85 9.14 25.71
N LEU A 99 -33.69 8.96 27.01
CA LEU A 99 -32.80 7.95 27.53
C LEU A 99 -33.76 6.81 27.85
N PRO A 100 -33.31 5.56 27.73
CA PRO A 100 -32.00 5.14 27.25
C PRO A 100 -31.82 5.40 25.76
N ARG A 101 -30.62 5.82 25.38
CA ARG A 101 -30.30 5.94 23.97
C ARG A 101 -30.19 4.52 23.43
N THR A 102 -30.79 4.27 22.27
CA THR A 102 -30.77 2.94 21.71
C THR A 102 -30.43 2.99 20.25
N PHE A 103 -29.86 1.88 19.81
CA PHE A 103 -29.35 1.69 18.47
C PHE A 103 -30.06 0.53 17.81
N GLY A 104 -30.10 0.54 16.49
CA GLY A 104 -30.51 -0.64 15.78
C GLY A 104 -29.46 -1.73 15.91
N GLY A 105 -29.80 -2.93 15.50
CA GLY A 105 -28.87 -4.06 15.53
C GLY A 105 -27.73 -3.99 14.52
N GLY A 106 -27.81 -3.11 13.54
CA GLY A 106 -26.74 -2.94 12.56
C GLY A 106 -27.06 -3.79 11.36
N THR A 107 -26.89 -3.20 10.17
CA THR A 107 -27.12 -3.88 8.92
C THR A 107 -25.78 -3.94 8.22
N LYS A 108 -25.36 -5.15 7.85
CA LYS A 108 -24.11 -5.30 7.11
C LYS A 108 -24.37 -5.04 5.63
N LEU A 109 -23.60 -4.10 5.06
CA LEU A 109 -23.66 -3.79 3.65
C LEU A 109 -22.85 -4.84 2.90
N GLU A 110 -23.52 -5.56 2.00
CA GLU A 110 -22.98 -6.74 1.34
C GLU A 110 -22.65 -6.39 -0.10
N ILE A 111 -21.36 -6.35 -0.42
CA ILE A 111 -20.88 -5.99 -1.74
C ILE A 111 -20.80 -7.23 -2.58
N LYS A 112 -21.32 -7.12 -3.80
CA LYS A 112 -21.33 -8.21 -4.75
C LYS A 112 -20.29 -7.91 -5.81
N ARG A 113 -19.39 -8.86 -6.07
CA ARG A 113 -18.31 -8.69 -7.04
C ARG A 113 -18.11 -9.99 -7.86
N ALA A 114 -17.13 -9.95 -8.76
CA ALA A 114 -16.71 -11.11 -9.54
C ALA A 114 -16.30 -12.27 -8.65
N ASP A 115 -16.69 -13.49 -9.03
CA ASP A 115 -16.28 -14.69 -8.33
C ASP A 115 -14.76 -14.81 -8.30
N ALA A 116 -14.24 -15.43 -7.26
CA ALA A 116 -12.80 -15.65 -7.14
C ALA A 116 -12.55 -16.90 -6.30
N ALA A 117 -11.77 -17.81 -6.86
CA ALA A 117 -11.37 -19.03 -6.19
C ALA A 117 -10.44 -18.72 -5.01
N PRO A 118 -10.53 -19.51 -3.94
CA PRO A 118 -9.61 -19.28 -2.82
C PRO A 118 -8.20 -19.65 -3.20
N THR A 119 -7.24 -18.88 -2.72
CA THR A 119 -5.85 -19.36 -2.70
C THR A 119 -5.69 -20.21 -1.46
N VAL A 120 -5.38 -21.51 -1.63
CA VAL A 120 -5.21 -22.43 -0.51
C VAL A 120 -3.72 -22.67 -0.16
N SER A 121 -3.39 -22.63 1.14
CA SER A 121 -2.04 -22.86 1.62
C SER A 121 -2.09 -23.73 2.86
N ILE A 122 -1.22 -24.71 2.93
CA ILE A 122 -1.17 -25.57 4.10
C ILE A 122 0.21 -25.50 4.72
N PHE A 123 0.25 -25.67 6.05
CA PHE A 123 1.47 -25.52 6.83
C PHE A 123 1.59 -26.57 7.90
N PRO A 124 2.73 -27.27 7.95
CA PRO A 124 2.95 -28.21 9.04
C PRO A 124 3.28 -27.49 10.35
N PRO A 125 3.26 -28.24 11.48
CA PRO A 125 3.66 -27.72 12.78
C PRO A 125 5.11 -27.23 12.77
N SER A 126 5.36 -26.12 13.46
CA SER A 126 6.70 -25.56 13.57
C SER A 126 7.51 -26.41 14.55
N SER A 127 8.83 -26.36 14.44
CA SER A 127 9.68 -26.99 15.44
C SER A 127 9.41 -26.41 16.84
N GLU A 128 9.10 -25.12 16.88
CA GLU A 128 8.77 -24.43 18.11
C GLU A 128 7.59 -25.11 18.80
N GLN A 129 6.49 -25.22 18.08
CA GLN A 129 5.29 -25.84 18.66
C GLN A 129 5.55 -27.27 19.08
N LEU A 130 6.30 -28.01 18.26
CA LEU A 130 6.62 -29.44 18.51
C LEU A 130 7.42 -29.65 19.82
N THR A 131 8.34 -28.75 20.09
CA THR A 131 9.01 -28.65 21.38
C THR A 131 8.05 -28.44 22.57
N SER A 132 6.95 -27.70 22.38
CA SER A 132 5.96 -27.54 23.44
C SER A 132 5.14 -28.81 23.70
N GLY A 133 5.06 -29.69 22.69
CA GLY A 133 4.37 -30.99 22.80
C GLY A 133 3.11 -31.11 21.97
N GLY A 134 2.74 -30.02 21.32
CA GLY A 134 1.57 -29.98 20.45
C GLY A 134 1.97 -29.91 19.01
N ALA A 135 0.98 -30.05 18.13
CA ALA A 135 1.16 -30.14 16.67
C ALA A 135 -0.10 -29.66 15.92
N SER A 136 -0.04 -28.46 15.33
CA SER A 136 -1.20 -27.91 14.62
C SER A 136 -0.95 -27.85 13.12
N VAL A 137 -1.90 -28.30 12.31
CA VAL A 137 -1.74 -28.13 10.88
C VAL A 137 -2.68 -26.98 10.54
N VAL A 138 -2.22 -26.04 9.71
CA VAL A 138 -3.03 -24.87 9.39
C VAL A 138 -3.31 -24.77 7.90
N CYS A 139 -4.52 -24.37 7.57
CA CYS A 139 -4.90 -24.14 6.18
C CYS A 139 -5.56 -22.77 6.10
N PHE A 140 -4.97 -21.90 5.28
CA PHE A 140 -5.58 -20.63 4.89
C PHE A 140 -6.23 -20.82 3.53
N LEU A 141 -7.46 -20.33 3.39
CA LEU A 141 -8.15 -20.31 2.13
C LEU A 141 -8.43 -18.85 1.92
N ASN A 142 -7.68 -18.19 1.05
CA ASN A 142 -7.70 -16.75 1.04
C ASN A 142 -8.25 -16.11 -0.21
N ASN A 143 -8.87 -14.94 0.00
CA ASN A 143 -9.37 -13.99 -1.02
C ASN A 143 -10.34 -14.61 -1.98
N PHE A 144 -11.35 -15.26 -1.44
CA PHE A 144 -12.38 -15.85 -2.27
C PHE A 144 -13.70 -15.07 -2.24
N TYR A 145 -14.50 -15.28 -3.30
CA TYR A 145 -15.85 -14.75 -3.41
C TYR A 145 -16.70 -15.71 -4.25
N PRO A 146 -17.95 -15.98 -3.85
CA PRO A 146 -18.72 -15.61 -2.64
C PRO A 146 -18.22 -16.19 -1.32
N LYS A 147 -18.88 -15.79 -0.24
CA LYS A 147 -18.40 -16.03 1.13
C LYS A 147 -18.49 -17.46 1.64
N ASP A 148 -19.39 -18.26 1.05
CA ASP A 148 -19.61 -19.65 1.51
C ASP A 148 -18.54 -20.64 1.04
N ILE A 149 -18.06 -21.46 1.96
CA ILE A 149 -16.95 -22.33 1.67
C ILE A 149 -16.97 -23.44 2.69
N ASN A 150 -16.52 -24.62 2.28
CA ASN A 150 -16.52 -25.80 3.11
C ASN A 150 -15.11 -26.36 3.10
N VAL A 151 -14.61 -26.73 4.27
CA VAL A 151 -13.27 -27.28 4.38
C VAL A 151 -13.34 -28.63 5.06
N LYS A 152 -12.68 -29.62 4.46
CA LYS A 152 -12.57 -30.93 5.03
C LYS A 152 -11.09 -31.29 5.24
N TRP A 153 -10.80 -31.93 6.36
CA TRP A 153 -9.45 -32.41 6.69
C TRP A 153 -9.44 -33.91 6.58
N LYS A 154 -8.38 -34.45 5.99
CA LYS A 154 -8.05 -35.87 6.05
C LYS A 154 -6.66 -36.02 6.71
N ILE A 155 -6.49 -37.10 7.49
CA ILE A 155 -5.18 -37.56 7.93
C ILE A 155 -5.03 -38.96 7.35
N ASP A 156 -4.00 -39.17 6.55
CA ASP A 156 -3.79 -40.45 5.86
C ASP A 156 -5.07 -40.89 5.09
N GLY A 157 -5.79 -39.92 4.52
CA GLY A 157 -6.96 -40.23 3.68
C GLY A 157 -8.30 -40.36 4.38
N SER A 158 -8.25 -40.56 5.70
CA SER A 158 -9.44 -40.59 6.56
C SER A 158 -9.83 -39.20 7.06
N GLU A 159 -11.11 -38.85 6.92
CA GLU A 159 -11.63 -37.56 7.41
C GLU A 159 -11.48 -37.40 8.94
N ARG A 160 -11.03 -36.23 9.38
CA ARG A 160 -10.87 -35.94 10.81
C ARG A 160 -11.70 -34.73 11.18
N GLN A 161 -12.72 -34.92 12.01
CA GLN A 161 -13.64 -33.85 12.41
C GLN A 161 -13.21 -33.18 13.70
N ASN A 162 -12.73 -33.98 14.64
CA ASN A 162 -12.34 -33.49 15.96
C ASN A 162 -10.99 -32.75 15.95
N GLY A 163 -10.88 -31.71 16.75
CA GLY A 163 -9.62 -30.94 16.89
C GLY A 163 -9.44 -29.83 15.84
N VAL A 164 -10.53 -29.53 15.12
CA VAL A 164 -10.56 -28.52 14.07
C VAL A 164 -11.09 -27.15 14.56
N LEU A 165 -10.34 -26.09 14.23
CA LEU A 165 -10.69 -24.74 14.65
C LEU A 165 -10.75 -23.80 13.43
N ASN A 166 -11.97 -23.38 13.07
CA ASN A 166 -12.21 -22.51 11.93
C ASN A 166 -12.52 -21.08 12.29
N SER A 167 -12.03 -20.18 11.45
CA SER A 167 -12.29 -18.76 11.59
C SER A 167 -12.48 -18.11 10.21
N TRP A 168 -13.32 -17.09 10.16
CA TRP A 168 -13.65 -16.39 8.92
C TRP A 168 -13.43 -14.87 9.08
N THR A 169 -12.87 -14.20 8.07
CA THR A 169 -12.82 -12.73 8.08
C THR A 169 -14.15 -12.15 7.59
N ASP A 170 -14.37 -10.87 7.87
CA ASP A 170 -15.45 -10.10 7.26
C ASP A 170 -15.06 -9.77 5.82
N GLN A 171 -15.97 -9.16 5.06
CA GLN A 171 -15.67 -8.74 3.68
C GLN A 171 -14.58 -7.66 3.64
N ASP A 172 -13.56 -7.90 2.84
CA ASP A 172 -12.41 -7.02 2.81
C ASP A 172 -12.81 -5.70 2.19
N SER A 173 -12.33 -4.62 2.81
CA SER A 173 -12.59 -3.23 2.41
C SER A 173 -11.93 -2.82 1.11
N LYS A 174 -10.99 -3.62 0.63
CA LYS A 174 -10.22 -3.26 -0.56
C LYS A 174 -10.63 -4.04 -1.80
N ASP A 175 -10.70 -5.36 -1.69
CA ASP A 175 -11.02 -6.19 -2.86
C ASP A 175 -12.35 -6.92 -2.75
N SER A 176 -13.05 -6.75 -1.64
CA SER A 176 -14.41 -7.27 -1.44
C SER A 176 -14.50 -8.79 -1.37
N THR A 177 -13.38 -9.42 -1.01
CA THR A 177 -13.32 -10.87 -0.92
C THR A 177 -13.35 -11.32 0.54
N TYR A 178 -13.38 -12.63 0.73
CA TYR A 178 -13.43 -13.27 2.01
C TYR A 178 -12.27 -14.26 2.17
N SER A 179 -11.98 -14.60 3.42
CA SER A 179 -10.90 -15.50 3.74
C SER A 179 -11.30 -16.34 4.93
N MET A 180 -10.68 -17.53 5.02
CA MET A 180 -10.93 -18.48 6.10
C MET A 180 -9.62 -19.12 6.55
N SER A 181 -9.52 -19.42 7.84
CA SER A 181 -8.43 -20.15 8.45
C SER A 181 -9.02 -21.40 9.06
N SER A 182 -8.38 -22.55 8.85
CA SER A 182 -8.76 -23.81 9.49
C SER A 182 -7.51 -24.48 10.08
N THR A 183 -7.53 -24.70 11.38
CA THR A 183 -6.43 -25.32 12.13
C THR A 183 -6.88 -26.66 12.73
N LEU A 184 -6.13 -27.70 12.41
CA LEU A 184 -6.31 -29.03 12.96
C LEU A 184 -5.21 -29.22 13.98
N THR A 185 -5.57 -29.40 15.25
CA THR A 185 -4.57 -29.62 16.30
C THR A 185 -4.57 -31.05 16.81
N LEU A 186 -3.35 -31.54 17.04
CA LEU A 186 -3.05 -32.91 17.47
C LEU A 186 -1.93 -32.81 18.49
N THR A 187 -1.57 -33.93 19.11
CA THR A 187 -0.37 -33.97 19.95
C THR A 187 0.79 -34.43 19.08
N LYS A 188 2.01 -34.13 19.51
CA LYS A 188 3.21 -34.49 18.78
C LYS A 188 3.27 -35.98 18.52
N ASP A 189 2.92 -36.76 19.52
CA ASP A 189 2.86 -38.22 19.43
C ASP A 189 1.91 -38.72 18.28
N GLU A 190 0.69 -38.20 18.20
CA GLU A 190 -0.21 -38.61 17.09
C GLU A 190 0.36 -38.10 15.76
N TYR A 191 0.82 -36.85 15.75
CA TYR A 191 1.32 -36.26 14.51
C TYR A 191 2.42 -37.11 13.88
N GLU A 192 3.35 -37.59 14.71
CA GLU A 192 4.52 -38.31 14.20
C GLU A 192 4.18 -39.76 13.85
N ARG A 193 2.91 -40.12 14.00
CA ARG A 193 2.44 -41.44 13.66
C ARG A 193 1.54 -41.46 12.42
N HIS A 194 1.35 -40.32 11.76
CA HIS A 194 0.68 -40.30 10.45
C HIS A 194 1.61 -39.64 9.45
N ASN A 195 1.33 -39.86 8.16
CA ASN A 195 2.23 -39.43 7.08
C ASN A 195 1.70 -38.30 6.23
N SER A 196 0.40 -38.32 5.93
CA SER A 196 -0.22 -37.30 5.08
C SER A 196 -1.35 -36.53 5.82
N TYR A 197 -1.36 -35.22 5.61
CA TYR A 197 -2.40 -34.31 6.16
C TYR A 197 -2.91 -33.49 4.99
N THR A 198 -4.23 -33.45 4.81
CA THR A 198 -4.83 -32.79 3.65
C THR A 198 -5.96 -31.86 4.06
N CYS A 199 -5.95 -30.68 3.47
CA CYS A 199 -7.02 -29.69 3.61
C CYS A 199 -7.71 -29.61 2.25
N GLU A 200 -8.99 -29.93 2.15
CA GLU A 200 -9.73 -29.78 0.87
C GLU A 200 -10.92 -28.80 0.94
N ALA A 201 -10.92 -27.81 0.05
CA ALA A 201 -11.84 -26.68 0.03
C ALA A 201 -12.84 -26.75 -1.13
N THR A 202 -14.12 -26.90 -0.81
CA THR A 202 -15.14 -26.82 -1.85
C THR A 202 -15.80 -25.43 -1.84
N HIS A 203 -15.79 -24.82 -3.02
CA HIS A 203 -16.24 -23.49 -3.26
C HIS A 203 -16.93 -23.56 -4.62
N LYS A 204 -17.90 -22.68 -4.87
CA LYS A 204 -18.70 -22.73 -6.11
C LYS A 204 -17.91 -22.47 -7.39
N THR A 205 -16.68 -21.97 -7.28
CA THR A 205 -15.85 -21.66 -8.45
C THR A 205 -15.14 -22.88 -9.03
N SER A 206 -15.37 -24.06 -8.45
CA SER A 206 -14.81 -25.30 -8.98
C SER A 206 -15.70 -26.45 -8.50
N THR A 207 -16.13 -27.30 -9.45
CA THR A 207 -16.92 -28.49 -9.11
C THR A 207 -16.05 -29.47 -8.31
N SER A 208 -14.73 -29.34 -8.50
CA SER A 208 -13.75 -30.21 -7.87
C SER A 208 -13.18 -29.48 -6.67
N PRO A 209 -12.98 -30.19 -5.53
CA PRO A 209 -12.36 -29.47 -4.41
C PRO A 209 -10.94 -29.00 -4.75
N ILE A 210 -10.52 -27.84 -4.25
CA ILE A 210 -9.11 -27.48 -4.26
C ILE A 210 -8.50 -28.20 -3.08
N VAL A 211 -7.41 -28.93 -3.32
CA VAL A 211 -6.78 -29.67 -2.23
C VAL A 211 -5.29 -29.31 -2.11
N LYS A 212 -4.89 -29.04 -0.87
CA LYS A 212 -3.49 -28.92 -0.52
C LYS A 212 -3.20 -30.01 0.50
N SER A 213 -2.03 -30.63 0.41
CA SER A 213 -1.59 -31.57 1.41
C SER A 213 -0.09 -31.50 1.59
N PHE A 214 0.37 -32.19 2.63
CA PHE A 214 1.78 -32.42 2.81
C PHE A 214 1.98 -33.75 3.49
N ASN A 215 3.16 -34.28 3.26
CA ASN A 215 3.51 -35.59 3.65
C ASN A 215 4.82 -35.46 4.41
N ARG A 216 4.85 -35.99 5.63
CA ARG A 216 5.97 -35.77 6.52
C ARG A 216 7.29 -36.44 6.07
N ASN A 217 7.24 -37.23 4.99
CA ASN A 217 8.38 -38.05 4.53
C ASN A 217 9.19 -37.54 3.34
N GLU A 218 8.89 -36.34 2.86
CA GLU A 218 9.51 -35.85 1.64
C GLU A 218 10.22 -34.54 1.91
N GLU B 1 -9.92 19.90 15.81
CA GLU B 1 -10.36 18.48 15.69
C GLU B 1 -10.65 17.88 17.05
N VAL B 2 -11.90 17.51 17.29
CA VAL B 2 -12.29 16.79 18.49
C VAL B 2 -11.74 15.37 18.42
N LYS B 3 -11.10 14.93 19.50
CA LYS B 3 -10.65 13.54 19.67
C LYS B 3 -10.99 13.00 21.06
N VAL B 4 -11.61 11.82 21.09
CA VAL B 4 -11.96 11.10 22.32
C VAL B 4 -10.96 9.96 22.53
N GLU B 5 -10.12 10.06 23.55
CA GLU B 5 -9.16 8.97 23.84
C GLU B 5 -9.56 8.22 25.12
N GLU B 6 -9.71 6.90 25.05
CA GLU B 6 -10.12 6.14 26.24
C GLU B 6 -9.15 5.06 26.62
N SER B 7 -9.17 4.66 27.89
CA SER B 7 -8.24 3.65 28.37
C SER B 7 -8.74 2.99 29.66
N GLY B 8 -7.92 2.07 30.18
CA GLY B 8 -8.25 1.26 31.33
C GLY B 8 -8.84 0.00 30.74
N GLY B 9 -9.55 -0.78 31.52
CA GLY B 9 -10.15 -1.98 30.98
C GLY B 9 -9.22 -3.11 31.34
N GLY B 10 -9.54 -4.30 30.89
CA GLY B 10 -8.77 -5.46 31.25
C GLY B 10 -9.71 -6.55 31.70
N LEU B 11 -9.15 -7.51 32.43
CA LEU B 11 -9.87 -8.71 32.86
C LEU B 11 -9.99 -8.69 34.36
N VAL B 12 -11.15 -9.08 34.87
CA VAL B 12 -11.29 -9.37 36.28
C VAL B 12 -12.20 -10.62 36.38
N GLN B 13 -12.21 -11.27 37.54
CA GLN B 13 -13.20 -12.32 37.81
C GLN B 13 -14.53 -11.65 38.19
N PRO B 14 -15.63 -12.41 38.09
CA PRO B 14 -16.87 -11.86 38.57
C PRO B 14 -16.70 -11.32 39.99
N GLY B 15 -17.28 -10.15 40.26
CA GLY B 15 -17.14 -9.52 41.55
C GLY B 15 -16.07 -8.44 41.49
N GLY B 16 -15.21 -8.48 40.51
CA GLY B 16 -14.06 -7.55 40.45
C GLY B 16 -14.42 -6.17 39.98
N SER B 17 -13.42 -5.28 40.00
CA SER B 17 -13.67 -3.88 39.84
C SER B 17 -12.61 -3.31 38.90
N MET B 18 -12.99 -2.24 38.23
CA MET B 18 -12.24 -1.69 37.14
C MET B 18 -12.75 -0.27 37.02
N LYS B 19 -11.83 0.64 36.74
CA LYS B 19 -12.19 2.02 36.47
C LYS B 19 -11.67 2.29 35.10
N ILE B 20 -12.57 2.66 34.19
CA ILE B 20 -12.11 3.11 32.88
C ILE B 20 -12.36 4.60 32.69
N SER B 21 -11.81 5.15 31.63
CA SER B 21 -11.80 6.58 31.43
C SER B 21 -11.61 6.99 30.00
N CYS B 22 -11.98 8.22 29.73
CA CYS B 22 -11.54 8.82 28.51
C CYS B 22 -11.42 10.31 28.63
N VAL B 23 -10.64 10.84 27.70
CA VAL B 23 -10.31 12.24 27.65
C VAL B 23 -10.65 12.78 26.27
N VAL B 24 -11.33 13.90 26.27
CA VAL B 24 -11.68 14.57 25.04
C VAL B 24 -10.73 15.76 24.90
N SER B 25 -10.27 15.96 23.68
CA SER B 25 -9.48 17.14 23.34
C SER B 25 -10.17 17.82 22.17
N GLY B 26 -9.93 19.11 22.05
CA GLY B 26 -10.43 19.88 20.93
C GLY B 26 -11.79 20.48 21.16
N SER B 30 -16.59 21.08 29.38
CA SER B 30 -17.57 22.07 29.79
C SER B 30 -18.90 21.94 29.04
N ASN B 31 -18.85 22.00 27.70
CA ASN B 31 -20.06 22.20 26.89
C ASN B 31 -20.65 20.88 26.44
N TYR B 32 -20.19 19.79 27.08
CA TYR B 32 -20.28 18.48 26.49
C TYR B 32 -20.89 17.45 27.42
N TRP B 33 -21.83 16.59 26.75
CA TRP B 33 -22.31 15.47 27.50
C TRP B 33 -21.44 14.30 27.12
N MET B 34 -21.22 13.37 28.03
CA MET B 34 -20.44 12.19 27.75
C MET B 34 -21.23 10.95 28.14
N SER B 35 -21.19 9.90 27.33
CA SER B 35 -21.82 8.64 27.67
C SER B 35 -20.89 7.46 27.47
N TRP B 36 -21.30 6.31 27.98
CA TRP B 36 -20.58 5.10 27.75
C TRP B 36 -21.59 4.13 27.06
N VAL B 37 -21.12 3.51 25.99
CA VAL B 37 -21.89 2.57 25.18
C VAL B 37 -21.04 1.32 25.09
N ARG B 38 -21.62 0.16 25.39
CA ARG B 38 -20.86 -1.05 25.26
C ARG B 38 -21.37 -1.96 24.12
N GLN B 39 -20.42 -2.69 23.55
CA GLN B 39 -20.69 -3.52 22.39
C GLN B 39 -20.30 -4.99 22.66
N SER B 40 -21.22 -5.89 22.40
CA SER B 40 -20.94 -7.32 22.46
C SER B 40 -21.69 -8.00 21.32
N PRO B 41 -21.20 -9.15 20.88
CA PRO B 41 -21.95 -9.81 19.79
C PRO B 41 -23.37 -10.24 20.16
N GLU B 42 -23.60 -10.47 21.45
CA GLU B 42 -24.88 -11.02 21.91
C GLU B 42 -25.92 -9.94 22.23
N LYS B 43 -25.50 -8.75 22.63
CA LYS B 43 -26.45 -7.65 22.93
C LYS B 43 -26.31 -6.41 22.04
N GLY B 44 -25.37 -6.43 21.08
CA GLY B 44 -25.15 -5.27 20.19
C GLY B 44 -24.61 -4.06 20.92
N LEU B 45 -24.92 -2.85 20.43
CA LEU B 45 -24.57 -1.60 21.10
C LEU B 45 -25.58 -1.21 22.17
N GLU B 46 -25.13 -1.11 23.42
CA GLU B 46 -25.97 -0.87 24.58
C GLU B 46 -25.45 0.37 25.31
N TRP B 47 -26.27 1.42 25.40
CA TRP B 47 -25.96 2.60 26.18
C TRP B 47 -26.01 2.23 27.65
N VAL B 48 -25.00 2.64 28.42
CA VAL B 48 -25.03 2.29 29.86
C VAL B 48 -25.09 3.43 30.87
N ALA B 49 -24.56 4.59 30.50
CA ALA B 49 -24.41 5.65 31.46
C ALA B 49 -24.05 6.94 30.73
N GLU B 50 -24.37 8.08 31.35
CA GLU B 50 -24.18 9.41 30.74
C GLU B 50 -24.01 10.44 31.83
N ILE B 51 -23.18 11.43 31.56
CA ILE B 51 -23.03 12.56 32.49
C ILE B 51 -23.18 13.85 31.69
N ARG B 52 -23.96 14.79 32.24
CA ARG B 52 -24.31 16.03 31.56
C ARG B 52 -23.77 17.19 32.38
N THR B 60 -26.31 12.65 36.36
CA THR B 60 -25.87 11.39 35.77
C THR B 60 -27.06 10.48 35.53
N TYR B 61 -26.95 9.63 34.50
CA TYR B 61 -28.03 8.71 34.17
C TYR B 61 -27.39 7.37 33.89
N TYR B 62 -28.09 6.29 34.21
CA TYR B 62 -27.56 4.94 34.13
C TYR B 62 -28.63 4.04 33.57
N ALA B 63 -28.22 3.10 32.72
CA ALA B 63 -29.11 2.07 32.24
C ALA B 63 -29.59 1.22 33.41
N GLU B 64 -30.82 0.72 33.30
CA GLU B 64 -31.38 -0.13 34.36
C GLU B 64 -30.50 -1.30 34.70
N SER B 65 -29.88 -1.89 33.70
CA SER B 65 -29.09 -3.10 33.91
C SER B 65 -27.83 -2.91 34.74
N VAL B 66 -27.34 -1.66 34.88
CA VAL B 66 -26.08 -1.41 35.62
C VAL B 66 -26.22 -0.41 36.76
N LYS B 67 -27.44 -0.07 37.15
CA LYS B 67 -27.67 0.81 38.29
C LYS B 67 -27.11 0.12 39.52
N GLY B 68 -26.36 0.88 40.31
CA GLY B 68 -25.76 0.35 41.51
C GLY B 68 -24.43 -0.34 41.31
N LYS B 69 -24.08 -0.64 40.06
CA LYS B 69 -22.77 -1.24 39.76
C LYS B 69 -21.78 -0.23 39.16
N PHE B 70 -22.27 0.69 38.32
CA PHE B 70 -21.43 1.67 37.61
C PHE B 70 -21.65 3.07 38.21
N THR B 71 -20.58 3.87 38.24
CA THR B 71 -20.61 5.26 38.65
C THR B 71 -19.87 6.09 37.59
N ILE B 72 -20.60 6.93 36.86
CA ILE B 72 -20.02 7.74 35.79
C ILE B 72 -19.74 9.08 36.38
N SER B 73 -18.66 9.69 35.93
CA SER B 73 -18.14 10.88 36.58
C SER B 73 -17.19 11.60 35.64
N ARG B 74 -16.90 12.85 35.95
CA ARG B 74 -16.08 13.67 35.09
C ARG B 74 -15.26 14.66 35.87
N ASP B 75 -14.05 14.89 35.35
CA ASP B 75 -13.25 16.01 35.73
C ASP B 75 -13.26 16.97 34.55
N ASP B 76 -14.09 17.99 34.67
CA ASP B 76 -14.24 19.03 33.64
C ASP B 76 -12.93 19.82 33.44
N SER B 77 -12.08 19.82 34.46
CA SER B 77 -10.76 20.44 34.39
C SER B 77 -9.91 19.74 33.35
N LYS B 78 -9.76 18.43 33.53
CA LYS B 78 -8.84 17.63 32.76
C LYS B 78 -9.48 17.17 31.46
N SER B 79 -10.76 17.48 31.25
CA SER B 79 -11.50 16.87 30.16
C SER B 79 -11.36 15.35 30.25
N ARG B 80 -11.41 14.83 31.49
CA ARG B 80 -11.19 13.41 31.76
C ARG B 80 -12.34 12.77 32.54
N LEU B 81 -13.23 12.12 31.80
CA LEU B 81 -14.39 11.43 32.38
C LEU B 81 -14.03 9.98 32.71
N TYR B 82 -14.59 9.47 33.80
CA TYR B 82 -14.32 8.13 34.28
C TYR B 82 -15.60 7.32 34.40
N LEU B 83 -15.49 6.00 34.28
CA LEU B 83 -16.57 5.08 34.64
C LEU B 83 -16.01 4.07 35.61
N GLN B 84 -16.47 4.11 36.84
CA GLN B 84 -16.05 3.17 37.88
C GLN B 84 -17.01 1.99 37.80
N MET B 85 -16.46 0.80 37.55
CA MET B 85 -17.22 -0.42 37.34
C MET B 85 -16.89 -1.38 38.45
N ASN B 86 -17.73 -1.42 39.48
CA ASN B 86 -17.52 -2.26 40.63
C ASN B 86 -18.48 -3.48 40.63
N ASN B 87 -18.01 -4.55 41.26
CA ASN B 87 -18.79 -5.76 41.46
C ASN B 87 -19.32 -6.28 40.13
N LEU B 88 -18.40 -6.49 39.19
CA LEU B 88 -18.74 -6.75 37.81
C LEU B 88 -19.29 -8.14 37.60
N ARG B 89 -20.18 -8.28 36.63
CA ARG B 89 -20.78 -9.55 36.31
C ARG B 89 -20.32 -10.03 34.96
N THR B 90 -20.43 -11.34 34.73
CA THR B 90 -19.96 -11.90 33.45
C THR B 90 -20.60 -11.24 32.24
N GLU B 91 -21.84 -10.80 32.41
CA GLU B 91 -22.59 -10.15 31.30
C GLU B 91 -22.11 -8.75 31.04
N ASP B 92 -21.24 -8.23 31.91
CA ASP B 92 -20.67 -6.90 31.67
C ASP B 92 -19.52 -6.91 30.70
N THR B 93 -19.21 -8.09 30.17
CA THR B 93 -18.10 -8.25 29.28
C THR B 93 -18.43 -7.61 27.95
N GLY B 94 -17.49 -6.85 27.38
CA GLY B 94 -17.70 -6.22 26.10
C GLY B 94 -16.67 -5.16 25.80
N ILE B 95 -16.84 -4.46 24.68
CA ILE B 95 -15.99 -3.33 24.34
C ILE B 95 -16.77 -2.09 24.69
N TYR B 96 -16.16 -1.23 25.49
CA TYR B 96 -16.80 -0.05 26.04
C TYR B 96 -16.30 1.14 25.27
N TYR B 97 -17.24 1.93 24.73
CA TYR B 97 -16.93 3.14 23.99
C TYR B 97 -17.30 4.37 24.80
N CYS B 98 -16.40 5.35 24.82
CA CYS B 98 -16.78 6.69 25.16
C CYS B 98 -17.50 7.25 23.94
N PHE B 99 -18.65 7.85 24.18
CA PHE B 99 -19.51 8.34 23.13
C PHE B 99 -20.04 9.70 23.57
N LEU B 100 -19.61 10.75 22.87
CA LEU B 100 -20.17 12.09 23.08
C LEU B 100 -21.34 12.23 22.18
N PRO B 101 -22.56 12.14 22.73
CA PRO B 101 -23.69 12.09 21.83
C PRO B 101 -23.80 13.41 21.09
N MET B 102 -24.02 13.41 19.77
CA MET B 102 -24.18 12.24 18.92
C MET B 102 -23.04 12.07 17.95
N ASP B 103 -22.01 12.92 18.03
CA ASP B 103 -21.03 13.04 16.95
C ASP B 103 -19.72 12.25 17.07
N TYR B 104 -19.22 11.99 18.29
CA TYR B 104 -17.84 11.47 18.47
C TYR B 104 -17.76 10.18 19.27
N TRP B 105 -16.99 9.21 18.77
CA TRP B 105 -16.77 7.95 19.49
C TRP B 105 -15.28 7.80 19.78
N GLY B 106 -14.95 7.14 20.90
CA GLY B 106 -13.58 6.76 21.20
C GLY B 106 -13.18 5.49 20.49
N GLN B 107 -11.99 4.98 20.81
CA GLN B 107 -11.42 3.76 20.22
C GLN B 107 -12.04 2.47 20.75
N GLY B 108 -12.45 2.47 22.00
CA GLY B 108 -13.00 1.27 22.60
C GLY B 108 -11.96 0.52 23.40
N THR B 109 -12.26 0.31 24.68
CA THR B 109 -11.44 -0.49 25.56
C THR B 109 -12.23 -1.76 25.92
N SER B 110 -11.54 -2.88 25.80
CA SER B 110 -12.07 -4.19 26.12
C SER B 110 -12.19 -4.42 27.64
N VAL B 111 -13.33 -4.95 28.05
CA VAL B 111 -13.59 -5.33 29.43
C VAL B 111 -14.03 -6.81 29.44
N THR B 112 -13.26 -7.64 30.14
CA THR B 112 -13.61 -9.06 30.21
C THR B 112 -13.81 -9.39 31.69
N VAL B 113 -14.95 -10.00 32.00
CA VAL B 113 -15.27 -10.50 33.32
C VAL B 113 -15.49 -11.98 33.15
N SER B 114 -14.65 -12.77 33.80
CA SER B 114 -14.62 -14.19 33.59
C SER B 114 -13.79 -14.85 34.68
N SER B 115 -14.23 -16.03 35.13
CA SER B 115 -13.48 -16.80 36.14
C SER B 115 -12.12 -17.33 35.61
N ALA B 116 -11.97 -17.38 34.29
CA ALA B 116 -10.72 -17.76 33.64
C ALA B 116 -9.64 -16.70 33.86
N LYS B 117 -8.42 -17.15 34.16
CA LYS B 117 -7.31 -16.27 34.50
C LYS B 117 -6.47 -15.96 33.25
N THR B 118 -5.69 -14.89 33.33
CA THR B 118 -4.81 -14.48 32.26
C THR B 118 -3.78 -15.57 31.94
N THR B 119 -3.67 -15.87 30.64
CA THR B 119 -2.75 -16.87 30.10
C THR B 119 -2.08 -16.27 28.86
N PRO B 120 -0.74 -16.24 28.82
CA PRO B 120 -0.09 -15.69 27.63
C PRO B 120 -0.13 -16.61 26.40
N PRO B 121 -0.06 -16.03 25.19
CA PRO B 121 -0.04 -16.83 23.96
C PRO B 121 1.28 -17.53 23.70
N SER B 122 1.22 -18.67 23.00
CA SER B 122 2.38 -19.24 22.34
C SER B 122 2.29 -18.83 20.89
N VAL B 123 3.39 -18.30 20.35
CA VAL B 123 3.41 -17.80 18.96
C VAL B 123 4.26 -18.72 18.12
N TYR B 124 3.66 -19.21 17.04
CA TYR B 124 4.33 -20.17 16.20
C TYR B 124 4.33 -19.69 14.76
N PRO B 125 5.50 -19.83 14.10
CA PRO B 125 5.64 -19.42 12.70
C PRO B 125 5.13 -20.52 11.80
N LEU B 126 4.44 -20.14 10.74
CA LEU B 126 3.99 -21.04 9.73
C LEU B 126 4.76 -20.75 8.45
N ALA B 127 5.57 -21.72 8.05
CA ALA B 127 6.36 -21.68 6.84
C ALA B 127 5.96 -22.88 5.99
N PRO B 128 6.01 -22.75 4.66
CA PRO B 128 5.73 -23.88 3.75
C PRO B 128 6.64 -25.09 3.98
N SER B 136 5.71 -17.86 -7.21
CA SER B 136 5.42 -16.48 -7.60
C SER B 136 5.15 -15.63 -6.37
N MET B 137 4.03 -15.92 -5.71
CA MET B 137 3.66 -15.34 -4.43
C MET B 137 3.75 -16.42 -3.37
N VAL B 138 4.32 -16.08 -2.21
CA VAL B 138 4.37 -17.03 -1.09
C VAL B 138 3.47 -16.56 0.03
N THR B 139 2.73 -17.47 0.64
CA THR B 139 1.98 -17.16 1.84
C THR B 139 2.68 -17.77 3.05
N LEU B 140 2.78 -16.95 4.10
CA LEU B 140 3.35 -17.40 5.36
C LEU B 140 2.33 -17.05 6.41
N GLY B 141 2.59 -17.43 7.65
CA GLY B 141 1.70 -17.02 8.73
C GLY B 141 2.21 -17.19 10.13
N CYS B 142 1.39 -16.78 11.09
CA CYS B 142 1.68 -16.94 12.51
C CYS B 142 0.46 -17.49 13.21
N LEU B 143 0.70 -18.40 14.16
CA LEU B 143 -0.34 -19.02 14.95
C LEU B 143 -0.16 -18.54 16.39
N VAL B 144 -1.16 -17.84 16.91
CA VAL B 144 -1.15 -17.30 18.26
C VAL B 144 -2.16 -18.12 19.10
N LYS B 145 -1.64 -19.05 19.89
CA LYS B 145 -2.46 -20.13 20.41
C LYS B 145 -2.53 -20.09 21.95
N GLY B 146 -3.71 -20.36 22.47
CA GLY B 146 -3.90 -20.65 23.89
C GLY B 146 -3.70 -19.48 24.83
N TYR B 147 -4.36 -18.37 24.54
CA TYR B 147 -4.29 -17.18 25.38
C TYR B 147 -5.66 -16.74 25.92
N PHE B 148 -5.60 -15.91 26.95
CA PHE B 148 -6.78 -15.32 27.54
C PHE B 148 -6.34 -14.07 28.29
N PRO B 149 -7.12 -13.00 28.23
CA PRO B 149 -8.33 -12.75 27.46
C PRO B 149 -7.96 -12.15 26.10
N GLU B 150 -8.96 -11.89 25.27
CA GLU B 150 -8.74 -11.09 24.08
C GLU B 150 -8.54 -9.66 24.59
N PRO B 151 -7.91 -8.78 23.78
CA PRO B 151 -7.36 -9.02 22.46
C PRO B 151 -5.83 -9.23 22.41
N VAL B 152 -5.36 -9.79 21.31
CA VAL B 152 -3.97 -9.67 20.89
C VAL B 152 -3.96 -8.85 19.62
N THR B 153 -2.83 -8.22 19.34
CA THR B 153 -2.63 -7.54 18.08
C THR B 153 -1.51 -8.22 17.30
N VAL B 154 -1.64 -8.24 15.98
CA VAL B 154 -0.62 -8.85 15.14
C VAL B 154 -0.16 -7.84 14.08
N THR B 155 1.14 -7.79 13.87
CA THR B 155 1.71 -6.93 12.86
C THR B 155 2.72 -7.77 12.08
N TRP B 156 2.96 -7.43 10.82
CA TRP B 156 4.05 -8.04 10.06
C TRP B 156 5.10 -6.98 9.68
N ASN B 157 6.36 -7.27 9.96
CA ASN B 157 7.46 -6.33 9.79
C ASN B 157 7.07 -4.95 10.33
N SER B 158 6.62 -4.95 11.60
CA SER B 158 6.20 -3.74 12.32
C SER B 158 5.30 -2.79 11.53
N GLY B 159 4.50 -3.34 10.61
CA GLY B 159 3.55 -2.54 9.83
C GLY B 159 3.87 -2.46 8.34
N SER B 160 5.15 -2.60 7.99
CA SER B 160 5.64 -2.57 6.60
C SER B 160 4.81 -3.44 5.64
N LEU B 161 4.37 -4.60 6.12
CA LEU B 161 3.45 -5.45 5.37
C LEU B 161 2.08 -5.33 6.04
N SER B 162 1.20 -4.55 5.42
CA SER B 162 -0.22 -4.47 5.82
C SER B 162 -1.11 -5.00 4.70
N SER B 163 -0.74 -4.65 3.46
CA SER B 163 -1.33 -5.24 2.27
C SER B 163 -1.05 -6.71 2.23
N GLY B 164 -2.05 -7.51 1.88
CA GLY B 164 -1.87 -8.95 1.82
C GLY B 164 -1.73 -9.63 3.17
N VAL B 165 -2.06 -8.91 4.26
CA VAL B 165 -2.19 -9.54 5.58
C VAL B 165 -3.66 -9.92 5.84
N HIS B 166 -3.92 -11.13 6.34
CA HIS B 166 -5.21 -11.51 6.92
C HIS B 166 -5.06 -11.99 8.33
N THR B 167 -5.57 -11.23 9.29
CA THR B 167 -5.57 -11.71 10.67
C THR B 167 -6.99 -12.14 11.00
N PHE B 168 -7.12 -13.40 11.38
CA PHE B 168 -8.46 -13.96 11.57
C PHE B 168 -8.99 -13.69 12.98
N PRO B 169 -10.32 -13.58 13.13
CA PRO B 169 -10.89 -13.45 14.48
C PRO B 169 -10.48 -14.59 15.39
N ALA B 170 -10.20 -14.26 16.65
CA ALA B 170 -9.87 -15.29 17.62
C ALA B 170 -11.10 -16.14 17.88
N VAL B 171 -10.85 -17.40 18.16
CA VAL B 171 -11.88 -18.33 18.52
C VAL B 171 -11.54 -18.91 19.86
N LEU B 172 -12.55 -18.97 20.72
CA LEU B 172 -12.43 -19.55 22.06
C LEU B 172 -12.71 -21.03 21.97
N GLN B 173 -11.76 -21.86 22.40
CA GLN B 173 -11.96 -23.29 22.53
C GLN B 173 -11.42 -23.75 23.87
N SER B 174 -12.30 -24.34 24.70
CA SER B 174 -11.88 -24.90 25.98
C SER B 174 -11.18 -23.84 26.83
N ASP B 175 -11.83 -22.66 26.88
CA ASP B 175 -11.45 -21.53 27.72
C ASP B 175 -10.16 -20.79 27.37
N LEU B 176 -9.63 -21.05 26.19
CA LEU B 176 -8.50 -20.27 25.66
C LEU B 176 -8.78 -19.81 24.24
N TYR B 177 -8.21 -18.67 23.86
CA TYR B 177 -8.38 -18.18 22.51
C TYR B 177 -7.22 -18.63 21.64
N THR B 178 -7.51 -18.84 20.35
CA THR B 178 -6.47 -19.02 19.35
C THR B 178 -6.77 -18.12 18.16
N LEU B 179 -5.74 -17.45 17.64
CA LEU B 179 -5.91 -16.77 16.36
C LEU B 179 -4.77 -17.07 15.42
N SER B 180 -4.97 -16.77 14.15
CA SER B 180 -3.91 -16.93 13.19
C SER B 180 -3.92 -15.75 12.25
N SER B 181 -2.77 -15.53 11.61
CA SER B 181 -2.61 -14.46 10.66
C SER B 181 -1.82 -14.96 9.49
N SER B 182 -2.22 -14.60 8.27
CA SER B 182 -1.46 -14.96 7.09
C SER B 182 -0.88 -13.71 6.43
N VAL B 183 0.23 -13.87 5.73
CA VAL B 183 0.77 -12.77 4.91
C VAL B 183 1.25 -13.35 3.60
N THR B 184 0.91 -12.67 2.51
CA THR B 184 1.26 -13.12 1.18
C THR B 184 2.22 -12.08 0.60
N VAL B 185 3.39 -12.53 0.17
CA VAL B 185 4.41 -11.68 -0.44
C VAL B 185 4.98 -12.35 -1.70
N PRO B 186 5.63 -11.54 -2.57
CA PRO B 186 6.31 -12.14 -3.70
C PRO B 186 7.38 -13.09 -3.21
N SER B 187 7.57 -14.21 -3.92
CA SER B 187 8.62 -15.19 -3.59
C SER B 187 10.04 -14.62 -3.58
N SER B 188 10.24 -13.57 -4.37
CA SER B 188 11.50 -12.88 -4.44
C SER B 188 11.81 -12.07 -3.18
N THR B 189 10.88 -11.99 -2.23
CA THR B 189 11.13 -11.23 -1.02
C THR B 189 11.26 -12.09 0.22
N TRP B 190 10.87 -13.36 0.13
CA TRP B 190 11.09 -14.31 1.24
C TRP B 190 11.58 -15.64 0.66
N PRO B 191 12.55 -16.31 1.32
CA PRO B 191 13.28 -16.03 2.56
C PRO B 191 14.48 -15.10 2.41
N SER B 192 14.71 -14.55 1.23
CA SER B 192 15.88 -13.70 1.00
C SER B 192 15.86 -12.50 1.91
N GLU B 193 14.66 -11.97 2.10
CA GLU B 193 14.43 -10.96 3.12
C GLU B 193 13.65 -11.56 4.27
N THR B 194 13.82 -10.97 5.47
CA THR B 194 13.19 -11.49 6.67
C THR B 194 11.72 -11.15 6.74
N VAL B 195 10.90 -12.09 7.21
CA VAL B 195 9.51 -11.78 7.47
C VAL B 195 9.21 -12.17 8.92
N THR B 196 8.56 -11.28 9.63
CA THR B 196 8.45 -11.39 11.09
C THR B 196 7.05 -10.97 11.54
N CYS B 197 6.36 -11.83 12.30
CA CYS B 197 5.09 -11.38 12.84
C CYS B 197 5.33 -10.88 14.26
N ASN B 198 4.81 -9.67 14.51
CA ASN B 198 4.91 -9.02 15.80
C ASN B 198 3.58 -9.18 16.53
N VAL B 199 3.63 -9.91 17.64
CA VAL B 199 2.44 -10.19 18.42
C VAL B 199 2.52 -9.55 19.78
N ALA B 200 1.49 -8.80 20.16
CA ALA B 200 1.35 -8.29 21.50
C ALA B 200 0.06 -8.81 22.18
N HIS B 201 0.18 -9.14 23.46
CA HIS B 201 -0.96 -9.47 24.32
C HIS B 201 -0.80 -8.71 25.62
N PRO B 202 -1.34 -7.48 25.68
CA PRO B 202 -1.11 -6.56 26.82
C PRO B 202 -1.58 -7.11 28.16
N ALA B 203 -2.71 -7.81 28.19
CA ALA B 203 -3.21 -8.44 29.41
C ALA B 203 -2.14 -9.21 30.15
N SER B 204 -1.18 -9.78 29.43
CA SER B 204 -0.13 -10.61 30.04
C SER B 204 1.25 -10.03 29.80
N SER B 205 1.31 -8.77 29.40
CA SER B 205 2.58 -8.12 29.12
C SER B 205 3.46 -8.97 28.20
N THR B 206 2.86 -9.58 27.19
CA THR B 206 3.57 -10.37 26.20
C THR B 206 3.79 -9.52 24.94
N LYS B 207 5.00 -9.57 24.43
CA LYS B 207 5.30 -9.04 23.11
C LYS B 207 6.30 -9.99 22.49
N VAL B 208 6.02 -10.50 21.30
CA VAL B 208 6.94 -11.43 20.62
C VAL B 208 7.12 -11.01 19.18
N ASP B 209 8.31 -11.25 18.65
CA ASP B 209 8.59 -10.97 17.25
C ASP B 209 9.14 -12.24 16.64
N LYS B 210 8.25 -13.03 16.04
CA LYS B 210 8.54 -14.37 15.51
C LYS B 210 8.96 -14.33 14.04
N LYS B 211 10.21 -14.73 13.81
CA LYS B 211 10.76 -14.82 12.47
C LYS B 211 10.20 -16.05 11.77
N ILE B 212 9.86 -15.91 10.50
CA ILE B 212 9.44 -17.05 9.74
C ILE B 212 10.66 -17.55 8.98
N VAL B 213 11.20 -18.69 9.41
CA VAL B 213 12.37 -19.28 8.75
C VAL B 213 11.93 -20.44 7.87
N PRO B 214 12.58 -20.61 6.71
CA PRO B 214 12.25 -21.72 5.82
C PRO B 214 12.65 -23.05 6.46
N ARG B 215 11.90 -24.09 6.14
CA ARG B 215 12.03 -25.37 6.86
C ARG B 215 13.21 -26.27 6.42
N ASP C 1 14.51 -19.96 -23.32
CA ASP C 1 14.75 -18.52 -22.93
C ASP C 1 14.69 -18.39 -21.41
N ILE C 2 15.85 -18.14 -20.81
CA ILE C 2 15.96 -18.07 -19.35
C ILE C 2 15.23 -16.87 -18.77
N VAL C 3 14.38 -17.13 -17.78
CA VAL C 3 13.67 -16.11 -17.04
C VAL C 3 14.42 -15.85 -15.74
N MET C 4 14.73 -14.58 -15.48
CA MET C 4 15.43 -14.18 -14.27
C MET C 4 14.45 -13.39 -13.44
N THR C 5 14.14 -13.85 -12.25
CA THR C 5 13.06 -13.23 -11.46
C THR C 5 13.57 -12.43 -10.24
N GLN C 6 13.19 -11.15 -10.20
CA GLN C 6 13.53 -10.24 -9.12
C GLN C 6 12.27 -9.57 -8.64
N ALA C 7 12.28 -9.17 -7.38
CA ALA C 7 11.29 -8.24 -6.79
C ALA C 7 11.51 -6.82 -7.28
N ALA C 8 10.44 -6.04 -7.41
CA ALA C 8 10.57 -4.65 -7.88
C ALA C 8 11.23 -3.70 -6.87
N PHE C 9 11.05 -3.94 -5.57
CA PHE C 9 11.71 -3.11 -4.54
C PHE C 9 12.16 -3.96 -3.36
N SER C 10 13.28 -3.59 -2.75
CA SER C 10 13.69 -4.23 -1.48
C SER C 10 12.78 -3.75 -0.35
N ASN C 11 12.80 -4.45 0.78
CA ASN C 11 12.18 -3.94 2.00
C ASN C 11 12.96 -2.72 2.42
N PRO C 12 12.30 -1.74 3.07
CA PRO C 12 13.12 -0.64 3.51
C PRO C 12 14.20 -1.09 4.54
N VAL C 13 15.39 -0.54 4.40
CA VAL C 13 16.53 -0.90 5.24
C VAL C 13 17.17 0.35 5.84
N THR C 14 17.33 0.36 7.15
CA THR C 14 17.91 1.50 7.84
C THR C 14 19.36 1.63 7.50
N LEU C 15 19.81 2.86 7.31
CA LEU C 15 21.21 3.09 7.09
C LEU C 15 22.00 2.42 8.23
N GLY C 16 23.16 1.84 7.90
CA GLY C 16 23.97 1.09 8.88
C GLY C 16 23.56 -0.37 9.07
N THR C 17 22.43 -0.77 8.50
CA THR C 17 22.01 -2.18 8.55
C THR C 17 22.13 -2.87 7.16
N SER C 18 21.81 -4.17 7.13
CA SER C 18 22.10 -5.05 5.99
C SER C 18 20.91 -5.17 5.07
N ALA C 19 21.19 -5.19 3.77
CA ALA C 19 20.16 -5.38 2.75
C ALA C 19 20.35 -6.69 2.06
N SER C 20 19.28 -7.18 1.47
CA SER C 20 19.26 -8.44 0.77
C SER C 20 18.36 -8.34 -0.48
N ILE C 21 18.94 -8.57 -1.66
CA ILE C 21 18.21 -8.53 -2.93
C ILE C 21 18.35 -9.89 -3.63
N SER C 22 17.20 -10.50 -3.86
CA SER C 22 17.05 -11.82 -4.46
C SER C 22 17.08 -11.79 -6.01
N CYS C 23 17.54 -12.89 -6.58
CA CYS C 23 17.36 -13.17 -8.00
C CYS C 23 17.08 -14.66 -8.14
N ARG C 24 16.15 -15.00 -9.02
CA ARG C 24 15.96 -16.40 -9.38
C ARG C 24 16.13 -16.61 -10.88
N SER C 25 16.88 -17.65 -11.24
CA SER C 25 17.05 -18.12 -12.61
C SER C 25 16.23 -19.40 -12.88
N SER C 26 15.60 -19.45 -14.05
CA SER C 26 14.79 -20.60 -14.45
C SER C 26 15.62 -21.76 -14.94
N LYS C 27 16.91 -21.51 -15.21
CA LYS C 27 17.86 -22.57 -15.53
C LYS C 27 19.06 -22.39 -14.60
N SER C 28 19.69 -23.50 -14.23
CA SER C 28 20.85 -23.43 -13.39
C SER C 28 22.03 -22.79 -14.13
N LEU C 29 22.71 -21.88 -13.45
CA LEU C 29 23.83 -21.15 -14.01
C LEU C 29 25.13 -21.73 -13.52
N LEU C 30 25.07 -22.81 -12.73
CA LEU C 30 26.28 -23.47 -12.26
C LEU C 30 26.78 -24.50 -13.27
N HIS C 31 28.07 -24.41 -13.63
CA HIS C 31 28.72 -25.35 -14.55
C HIS C 31 29.80 -26.22 -13.87
N SER C 32 30.32 -27.20 -14.62
CA SER C 32 31.26 -28.18 -14.08
C SER C 32 32.62 -27.60 -13.70
N ASP C 33 32.92 -26.42 -14.22
CA ASP C 33 34.06 -25.61 -13.73
C ASP C 33 33.86 -25.15 -12.29
N GLY C 34 32.69 -25.48 -11.72
CA GLY C 34 32.27 -24.99 -10.40
C GLY C 34 32.00 -23.49 -10.36
N ILE C 35 31.81 -22.88 -11.54
CA ILE C 35 31.51 -21.44 -11.62
C ILE C 35 30.03 -21.25 -11.91
N THR C 36 29.47 -20.18 -11.34
CA THR C 36 28.06 -19.83 -11.50
C THR C 36 28.03 -18.50 -12.25
N TYR C 37 27.46 -18.53 -13.43
CA TYR C 37 27.59 -17.45 -14.43
C TYR C 37 26.44 -16.45 -14.26
N LEU C 38 26.51 -15.81 -13.10
CA LEU C 38 25.51 -14.88 -12.65
C LEU C 38 26.23 -13.55 -12.45
N TYR C 39 25.58 -12.46 -12.88
CA TYR C 39 26.13 -11.10 -12.78
C TYR C 39 25.09 -10.17 -12.15
N TRP C 40 25.58 -9.18 -11.41
CA TRP C 40 24.77 -8.11 -10.80
C TRP C 40 25.27 -6.77 -11.33
N TYR C 41 24.33 -5.89 -11.63
CA TYR C 41 24.59 -4.54 -12.09
C TYR C 41 23.78 -3.59 -11.21
N LEU C 42 24.37 -2.43 -10.94
CA LEU C 42 23.70 -1.36 -10.26
C LEU C 42 23.53 -0.17 -11.19
N GLN C 43 22.30 0.30 -11.32
CA GLN C 43 22.01 1.58 -11.92
C GLN C 43 21.52 2.58 -10.85
N LYS C 44 22.41 3.51 -10.49
CA LYS C 44 22.04 4.61 -9.61
C LYS C 44 21.27 5.68 -10.39
N PRO C 45 20.38 6.43 -9.70
CA PRO C 45 19.64 7.48 -10.44
C PRO C 45 20.60 8.51 -11.02
N GLY C 46 20.43 8.83 -12.30
CA GLY C 46 21.25 9.81 -13.01
C GLY C 46 22.54 9.27 -13.61
N GLN C 47 22.73 7.95 -13.53
CA GLN C 47 23.92 7.32 -14.12
C GLN C 47 23.51 6.05 -14.87
N SER C 48 24.45 5.52 -15.62
CA SER C 48 24.24 4.26 -16.37
C SER C 48 24.56 3.01 -15.52
N PRO C 49 24.01 1.84 -15.91
CA PRO C 49 24.40 0.61 -15.19
C PRO C 49 25.90 0.37 -15.18
N HIS C 50 26.40 -0.14 -14.06
CA HIS C 50 27.77 -0.58 -13.96
C HIS C 50 27.79 -1.95 -13.31
N LEU C 51 28.79 -2.72 -13.71
CA LEU C 51 29.04 -4.04 -13.17
C LEU C 51 29.34 -3.94 -11.69
N LEU C 52 28.65 -4.78 -10.92
CA LEU C 52 28.83 -4.86 -9.49
C LEU C 52 29.59 -6.14 -9.14
N ILE C 53 29.07 -7.27 -9.59
CA ILE C 53 29.61 -8.58 -9.25
C ILE C 53 29.56 -9.47 -10.47
N TYR C 54 30.61 -10.29 -10.64
CA TYR C 54 30.68 -11.23 -11.73
C TYR C 54 30.89 -12.63 -11.21
N HIS C 55 30.42 -13.61 -11.98
CA HIS C 55 30.51 -15.02 -11.60
C HIS C 55 30.00 -15.24 -10.15
N LEU C 56 28.88 -14.59 -9.82
CA LEU C 56 28.11 -14.85 -8.59
C LEU C 56 28.65 -14.19 -7.36
N SER C 57 29.96 -14.21 -7.16
CA SER C 57 30.51 -13.76 -5.90
C SER C 57 31.75 -12.88 -5.99
N ASN C 58 32.22 -12.55 -7.19
CA ASN C 58 33.41 -11.66 -7.34
C ASN C 58 33.05 -10.22 -7.55
N LEU C 59 33.62 -9.36 -6.71
CA LEU C 59 33.40 -7.94 -6.78
C LEU C 59 34.17 -7.33 -7.97
N ALA C 60 33.54 -6.40 -8.67
CA ALA C 60 34.21 -5.67 -9.75
C ALA C 60 35.11 -4.61 -9.10
N SER C 61 36.17 -4.18 -9.78
CA SER C 61 37.13 -3.31 -9.08
C SER C 61 36.43 -2.00 -8.71
N GLY C 62 36.78 -1.49 -7.53
CA GLY C 62 36.21 -0.24 -7.01
C GLY C 62 34.87 -0.37 -6.32
N VAL C 63 34.26 -1.56 -6.36
CA VAL C 63 33.00 -1.80 -5.65
C VAL C 63 33.30 -2.00 -4.16
N PRO C 64 32.53 -1.34 -3.29
CA PRO C 64 32.87 -1.42 -1.86
C PRO C 64 32.74 -2.83 -1.23
N ASP C 65 33.56 -3.05 -0.20
CA ASP C 65 33.68 -4.30 0.53
C ASP C 65 32.36 -4.84 1.05
N ARG C 66 31.43 -3.94 1.28
CA ARG C 66 30.17 -4.27 1.92
C ARG C 66 29.21 -5.04 1.02
N PHE C 67 29.50 -5.11 -0.27
CA PHE C 67 28.71 -5.91 -1.22
C PHE C 67 29.24 -7.33 -1.31
N SER C 68 28.33 -8.27 -1.57
CA SER C 68 28.71 -9.66 -1.77
C SER C 68 27.53 -10.36 -2.42
N SER C 69 27.74 -11.52 -2.98
CA SER C 69 26.60 -12.31 -3.49
C SER C 69 26.92 -13.76 -3.28
N SER C 70 25.89 -14.58 -3.14
CA SER C 70 26.07 -16.01 -3.02
C SER C 70 24.82 -16.69 -3.49
N GLY C 71 24.86 -18.00 -3.63
CA GLY C 71 23.64 -18.76 -3.94
C GLY C 71 23.92 -20.13 -4.51
N SER C 72 22.83 -20.78 -4.90
CA SER C 72 22.86 -22.04 -5.62
C SER C 72 23.03 -21.72 -7.13
N GLY C 73 22.77 -22.70 -7.99
CA GLY C 73 22.79 -22.49 -9.43
C GLY C 73 21.56 -21.74 -9.92
N THR C 74 20.51 -21.68 -9.10
CA THR C 74 19.27 -21.02 -9.50
C THR C 74 18.75 -19.94 -8.56
N ASP C 75 19.21 -19.92 -7.32
CA ASP C 75 18.69 -19.00 -6.32
C ASP C 75 19.85 -18.22 -5.73
N PHE C 76 19.82 -16.91 -5.91
CA PHE C 76 20.95 -16.03 -5.54
C PHE C 76 20.48 -14.85 -4.73
N THR C 77 21.39 -14.29 -3.93
CA THR C 77 21.11 -13.15 -3.08
C THR C 77 22.30 -12.21 -3.14
N LEU C 78 22.05 -10.99 -3.55
CA LEU C 78 22.99 -9.88 -3.38
C LEU C 78 22.78 -9.30 -1.95
N ARG C 79 23.83 -9.23 -1.15
CA ARG C 79 23.77 -8.68 0.19
C ARG C 79 24.67 -7.43 0.32
N ILE C 80 24.20 -6.46 1.10
CA ILE C 80 24.94 -5.22 1.37
C ILE C 80 24.96 -5.03 2.88
N SER C 81 26.11 -5.21 3.53
CA SER C 81 26.23 -4.88 4.96
C SER C 81 26.26 -3.34 5.12
N ARG C 82 25.92 -2.86 6.31
CA ARG C 82 25.96 -1.45 6.67
C ARG C 82 25.61 -0.51 5.50
N VAL C 83 24.34 -0.58 5.10
CA VAL C 83 23.80 0.15 3.95
C VAL C 83 23.94 1.66 4.10
N GLU C 84 24.54 2.29 3.08
CA GLU C 84 24.75 3.73 3.04
C GLU C 84 23.87 4.37 1.96
N ALA C 85 23.89 5.70 1.94
CA ALA C 85 23.08 6.49 1.01
C ALA C 85 23.41 6.16 -0.44
N GLU C 86 24.68 6.31 -0.78
CA GLU C 86 25.21 6.00 -2.10
C GLU C 86 24.89 4.61 -2.69
N ASP C 87 24.18 3.75 -1.95
CA ASP C 87 23.90 2.36 -2.38
C ASP C 87 22.56 2.28 -3.06
N VAL C 88 21.77 3.35 -2.93
CA VAL C 88 20.42 3.39 -3.50
C VAL C 88 20.47 3.34 -5.04
N GLY C 89 19.52 2.63 -5.63
CA GLY C 89 19.44 2.52 -7.08
C GLY C 89 18.64 1.29 -7.47
N ILE C 90 18.80 0.86 -8.72
CA ILE C 90 18.18 -0.36 -9.19
C ILE C 90 19.25 -1.42 -9.41
N TYR C 91 19.00 -2.64 -8.89
CA TYR C 91 19.98 -3.73 -8.91
C TYR C 91 19.45 -4.83 -9.80
N TYR C 92 20.19 -5.14 -10.87
CA TYR C 92 19.76 -6.11 -11.88
C TYR C 92 20.70 -7.30 -11.88
N CYS C 93 20.10 -8.49 -11.97
CA CYS C 93 20.85 -9.70 -12.20
C CYS C 93 20.78 -10.07 -13.71
N ALA C 94 21.71 -10.88 -14.14
CA ALA C 94 21.85 -11.26 -15.53
C ALA C 94 22.64 -12.56 -15.57
N HIS C 95 22.49 -13.31 -16.63
CA HIS C 95 23.22 -14.55 -16.80
C HIS C 95 24.07 -14.39 -18.04
N ASN C 96 24.98 -15.34 -18.17
CA ASN C 96 25.96 -15.39 -19.24
C ASN C 96 26.11 -16.82 -19.74
N VAL C 97 25.00 -17.51 -20.03
CA VAL C 97 25.07 -18.93 -20.42
C VAL C 97 24.54 -19.24 -21.83
N GLU C 98 23.70 -18.38 -22.37
CA GLU C 98 23.15 -18.59 -23.67
C GLU C 98 22.64 -17.30 -24.24
N LEU C 99 22.11 -17.38 -25.47
CA LEU C 99 21.33 -16.33 -26.11
C LEU C 99 19.89 -16.79 -26.21
N PRO C 100 18.92 -15.89 -26.01
CA PRO C 100 19.10 -14.48 -25.66
C PRO C 100 19.64 -14.25 -24.26
N ARG C 101 20.43 -13.19 -24.15
CA ARG C 101 20.78 -12.61 -22.87
C ARG C 101 19.52 -12.08 -22.22
N THR C 102 19.30 -12.45 -20.98
CA THR C 102 18.20 -11.92 -20.25
C THR C 102 18.65 -11.40 -18.92
N PHE C 103 17.88 -10.43 -18.43
CA PHE C 103 18.10 -9.72 -17.19
C PHE C 103 16.90 -9.84 -16.29
N GLY C 104 17.13 -9.75 -14.99
CA GLY C 104 16.07 -9.57 -14.03
C GLY C 104 15.34 -8.24 -14.22
N GLY C 105 14.12 -8.18 -13.71
CA GLY C 105 13.30 -6.96 -13.80
C GLY C 105 13.90 -5.76 -13.09
N GLY C 106 14.85 -5.99 -12.18
CA GLY C 106 15.46 -4.89 -11.44
C GLY C 106 14.77 -4.71 -10.08
N THR C 107 15.58 -4.54 -9.03
CA THR C 107 15.08 -4.30 -7.67
C THR C 107 15.66 -2.99 -7.16
N LYS C 108 14.76 -2.07 -6.82
CA LYS C 108 15.15 -0.79 -6.27
C LYS C 108 15.40 -0.95 -4.76
N LEU C 109 16.57 -0.55 -4.30
CA LEU C 109 16.87 -0.52 -2.85
C LEU C 109 16.07 0.61 -2.15
N GLU C 110 15.16 0.22 -1.25
CA GLU C 110 14.41 1.17 -0.40
C GLU C 110 15.14 1.41 0.96
N ILE C 111 15.30 2.68 1.33
CA ILE C 111 15.88 3.06 2.61
C ILE C 111 14.78 3.32 3.64
N LYS C 112 14.99 2.84 4.87
CA LYS C 112 14.06 3.07 5.97
C LYS C 112 14.51 4.23 6.85
N ARG C 113 13.55 5.04 7.26
CA ARG C 113 13.80 6.15 8.15
C ARG C 113 12.58 6.38 9.04
N ALA C 114 12.72 7.29 10.00
CA ALA C 114 11.64 7.64 10.92
C ALA C 114 10.53 8.29 10.11
N ASP C 115 9.29 8.04 10.49
CA ASP C 115 8.15 8.55 9.75
C ASP C 115 8.18 10.08 9.71
N ALA C 116 7.60 10.65 8.65
CA ALA C 116 7.56 12.09 8.47
C ALA C 116 6.25 12.45 7.83
N ALA C 117 5.56 13.43 8.42
CA ALA C 117 4.30 13.92 7.85
C ALA C 117 4.69 14.79 6.68
N PRO C 118 3.86 14.79 5.62
CA PRO C 118 4.13 15.63 4.45
C PRO C 118 3.87 17.10 4.70
N THR C 119 4.70 17.96 4.09
CA THR C 119 4.38 19.37 3.93
C THR C 119 3.54 19.52 2.68
N VAL C 120 2.33 20.07 2.85
CA VAL C 120 1.34 20.10 1.80
C VAL C 120 1.14 21.55 1.36
N SER C 121 1.26 21.80 0.06
CA SER C 121 1.00 23.11 -0.52
C SER C 121 -0.05 23.02 -1.60
N ILE C 122 -1.00 23.94 -1.63
CA ILE C 122 -1.97 23.98 -2.73
C ILE C 122 -1.83 25.26 -3.56
N PHE C 123 -1.94 25.12 -4.89
CA PHE C 123 -1.81 26.24 -5.82
C PHE C 123 -3.02 26.38 -6.77
N PRO C 124 -3.61 27.59 -6.83
CA PRO C 124 -4.68 27.85 -7.81
C PRO C 124 -4.14 27.92 -9.24
N PRO C 125 -5.03 27.81 -10.23
CA PRO C 125 -4.61 28.01 -11.60
C PRO C 125 -3.85 29.34 -11.77
N SER C 126 -2.82 29.34 -12.58
CA SER C 126 -2.12 30.59 -12.87
C SER C 126 -3.00 31.53 -13.73
N SER C 127 -2.75 32.84 -13.66
CA SER C 127 -3.47 33.77 -14.49
C SER C 127 -3.23 33.42 -15.95
N GLU C 128 -1.98 33.07 -16.27
CA GLU C 128 -1.62 32.70 -17.64
C GLU C 128 -2.39 31.50 -18.18
N GLN C 129 -2.53 30.48 -17.36
CA GLN C 129 -3.29 29.27 -17.73
C GLN C 129 -4.75 29.64 -17.96
N LEU C 130 -5.31 30.36 -16.99
CA LEU C 130 -6.69 30.85 -17.09
C LEU C 130 -6.96 31.61 -18.38
N THR C 131 -6.01 32.43 -18.83
CA THR C 131 -6.16 33.19 -20.07
C THR C 131 -6.31 32.24 -21.29
N SER C 132 -5.53 31.14 -21.25
CA SER C 132 -5.54 30.11 -22.25
C SER C 132 -6.82 29.26 -22.21
N GLY C 133 -7.55 29.30 -21.10
CA GLY C 133 -8.81 28.57 -20.96
C GLY C 133 -8.72 27.28 -20.18
N GLY C 134 -7.54 27.02 -19.58
CA GLY C 134 -7.30 25.84 -18.79
C GLY C 134 -7.27 26.18 -17.31
N ALA C 135 -7.37 25.18 -16.47
CA ALA C 135 -7.38 25.43 -15.04
C ALA C 135 -6.86 24.23 -14.26
N SER C 136 -5.58 24.26 -13.90
CA SER C 136 -4.99 23.15 -13.16
C SER C 136 -4.74 23.59 -11.74
N VAL C 137 -5.30 22.83 -10.81
CA VAL C 137 -5.07 23.09 -9.42
C VAL C 137 -4.00 22.09 -8.98
N VAL C 138 -2.94 22.59 -8.32
CA VAL C 138 -1.79 21.75 -7.99
C VAL C 138 -1.64 21.61 -6.47
N CYS C 139 -1.32 20.41 -6.05
CA CYS C 139 -1.05 20.14 -4.64
C CYS C 139 0.28 19.37 -4.58
N PHE C 140 1.19 19.85 -3.75
CA PHE C 140 2.45 19.15 -3.51
C PHE C 140 2.36 18.57 -2.13
N LEU C 141 2.79 17.32 -2.01
CA LEU C 141 2.89 16.65 -0.74
C LEU C 141 4.36 16.25 -0.58
N ASN C 142 5.12 16.98 0.23
CA ASN C 142 6.57 16.89 0.17
C ASN C 142 7.28 16.39 1.42
N ASN C 143 8.31 15.59 1.19
CA ASN C 143 9.21 15.06 2.21
C ASN C 143 8.56 14.27 3.32
N PHE C 144 7.73 13.30 2.91
CA PHE C 144 7.11 12.38 3.84
C PHE C 144 7.75 10.97 3.86
N TYR C 145 7.37 10.19 4.87
CA TYR C 145 7.79 8.78 5.02
C TYR C 145 6.82 8.08 6.02
N PRO C 146 6.35 6.88 5.68
CA PRO C 146 6.68 6.03 4.54
C PRO C 146 6.08 6.48 3.21
N LYS C 147 6.39 5.69 2.18
CA LYS C 147 6.08 5.94 0.77
C LYS C 147 4.59 6.00 0.44
N ASP C 148 3.79 5.22 1.13
CA ASP C 148 2.36 5.15 0.81
C ASP C 148 1.57 6.32 1.39
N ILE C 149 0.74 6.93 0.55
CA ILE C 149 -0.03 8.11 0.90
C ILE C 149 -1.29 8.16 0.06
N ASN C 150 -2.36 8.76 0.58
CA ASN C 150 -3.54 9.00 -0.24
C ASN C 150 -3.88 10.48 -0.25
N VAL C 151 -4.34 10.97 -1.40
CA VAL C 151 -4.76 12.35 -1.51
C VAL C 151 -6.16 12.32 -2.07
N LYS C 152 -7.06 13.08 -1.46
CA LYS C 152 -8.40 13.30 -2.02
C LYS C 152 -8.61 14.79 -2.36
N TRP C 153 -9.19 15.02 -3.53
CA TRP C 153 -9.59 16.35 -3.96
C TRP C 153 -11.06 16.58 -3.62
N LYS C 154 -11.35 17.75 -3.06
CA LYS C 154 -12.72 18.20 -2.87
C LYS C 154 -12.93 19.60 -3.45
N ILE C 155 -14.07 19.79 -4.11
CA ILE C 155 -14.46 21.08 -4.64
C ILE C 155 -15.80 21.44 -4.01
N ASP C 156 -15.89 22.61 -3.39
CA ASP C 156 -17.11 23.06 -2.68
C ASP C 156 -17.66 21.98 -1.73
N GLY C 157 -16.77 21.30 -1.00
CA GLY C 157 -17.16 20.20 -0.12
C GLY C 157 -17.21 18.83 -0.78
N SER C 158 -17.59 18.79 -2.05
CA SER C 158 -17.81 17.52 -2.77
C SER C 158 -16.54 16.84 -3.33
N GLU C 159 -16.39 15.54 -3.05
CA GLU C 159 -15.23 14.77 -3.48
C GLU C 159 -15.09 14.71 -4.99
N ARG C 160 -13.84 14.83 -5.46
CA ARG C 160 -13.51 14.88 -6.88
C ARG C 160 -12.50 13.78 -7.28
N GLN C 161 -12.90 12.92 -8.22
CA GLN C 161 -12.03 11.88 -8.76
C GLN C 161 -11.59 12.22 -10.19
N ASN C 162 -12.51 12.78 -11.00
CA ASN C 162 -12.25 13.10 -12.41
C ASN C 162 -11.10 14.11 -12.62
N GLY C 163 -10.23 13.83 -13.59
CA GLY C 163 -9.18 14.77 -14.00
C GLY C 163 -8.05 14.99 -12.98
N VAL C 164 -7.90 14.04 -12.06
CA VAL C 164 -6.79 14.08 -11.09
C VAL C 164 -5.65 13.16 -11.54
N LEU C 165 -4.45 13.74 -11.67
CA LEU C 165 -3.25 13.03 -12.09
C LEU C 165 -2.10 13.20 -11.08
N ASN C 166 -1.60 12.06 -10.62
CA ASN C 166 -0.64 11.97 -9.52
C ASN C 166 0.73 11.56 -10.03
N SER C 167 1.77 12.05 -9.37
CA SER C 167 3.18 11.71 -9.71
C SER C 167 4.07 11.68 -8.48
N TRP C 168 5.03 10.75 -8.44
CA TRP C 168 5.85 10.51 -7.24
C TRP C 168 7.33 10.68 -7.52
N THR C 169 8.08 11.34 -6.65
CA THR C 169 9.54 11.33 -6.81
C THR C 169 10.10 10.00 -6.32
N ASP C 170 11.33 9.74 -6.74
CA ASP C 170 12.12 8.65 -6.20
C ASP C 170 12.63 9.09 -4.82
N GLN C 171 12.96 8.12 -3.97
CA GLN C 171 13.32 8.42 -2.60
C GLN C 171 14.44 9.44 -2.57
N ASP C 172 14.28 10.50 -1.78
CA ASP C 172 15.27 11.58 -1.76
C ASP C 172 16.66 11.07 -1.39
N SER C 173 17.66 11.46 -2.19
CA SER C 173 19.02 11.00 -1.96
C SER C 173 19.55 11.43 -0.60
N LYS C 174 19.18 12.62 -0.13
CA LYS C 174 19.69 13.14 1.15
C LYS C 174 18.90 12.67 2.39
N ASP C 175 17.63 13.04 2.49
CA ASP C 175 16.88 12.77 3.70
C ASP C 175 16.08 11.47 3.68
N SER C 176 16.12 10.72 2.58
CA SER C 176 15.41 9.44 2.41
C SER C 176 13.85 9.56 2.44
N THR C 177 13.34 10.75 2.18
CA THR C 177 11.89 10.96 2.11
C THR C 177 11.39 10.76 0.69
N TYR C 178 10.07 10.82 0.56
CA TYR C 178 9.36 10.82 -0.71
C TYR C 178 8.56 12.10 -0.83
N SER C 179 8.18 12.41 -2.07
CA SER C 179 7.30 13.54 -2.35
C SER C 179 6.30 13.16 -3.42
N MET C 180 5.18 13.85 -3.46
CA MET C 180 4.12 13.54 -4.42
C MET C 180 3.50 14.81 -4.95
N SER C 181 3.22 14.83 -6.26
CA SER C 181 2.44 15.91 -6.87
C SER C 181 1.09 15.34 -7.22
N SER C 182 0.03 16.10 -6.98
CA SER C 182 -1.28 15.75 -7.51
C SER C 182 -1.90 16.98 -8.16
N THR C 183 -2.34 16.83 -9.40
CA THR C 183 -2.88 17.89 -10.21
C THR C 183 -4.34 17.54 -10.60
N LEU C 184 -5.24 18.44 -10.23
CA LEU C 184 -6.62 18.40 -10.65
C LEU C 184 -6.76 19.34 -11.86
N THR C 185 -7.04 18.78 -13.04
CA THR C 185 -7.16 19.57 -14.27
C THR C 185 -8.62 19.72 -14.74
N LEU C 186 -9.13 20.95 -14.65
CA LEU C 186 -10.49 21.28 -15.01
C LEU C 186 -10.46 22.26 -16.13
N THR C 187 -11.55 22.35 -16.90
CA THR C 187 -11.72 23.46 -17.81
C THR C 187 -11.94 24.73 -16.98
N LYS C 188 -11.63 25.89 -17.56
CA LYS C 188 -11.79 27.15 -16.86
C LYS C 188 -13.26 27.35 -16.46
N ASP C 189 -14.16 27.04 -17.39
CA ASP C 189 -15.61 27.11 -17.13
C ASP C 189 -16.02 26.35 -15.87
N GLU C 190 -15.62 25.09 -15.80
CA GLU C 190 -15.89 24.25 -14.64
C GLU C 190 -15.32 24.90 -13.40
N TYR C 191 -14.04 25.27 -13.46
CA TYR C 191 -13.32 25.85 -12.32
C TYR C 191 -14.01 27.08 -11.77
N GLU C 192 -14.52 27.92 -12.65
CA GLU C 192 -15.17 29.19 -12.24
C GLU C 192 -16.61 29.03 -11.74
N ARG C 193 -17.17 27.82 -11.83
CA ARG C 193 -18.51 27.59 -11.28
C ARG C 193 -18.48 27.00 -9.87
N HIS C 194 -17.31 27.00 -9.24
CA HIS C 194 -17.15 26.58 -7.84
C HIS C 194 -16.22 27.55 -7.08
N ASN C 195 -16.36 27.62 -5.76
CA ASN C 195 -15.61 28.60 -4.95
C ASN C 195 -14.40 28.05 -4.20
N SER C 196 -14.50 26.83 -3.67
CA SER C 196 -13.49 26.31 -2.76
C SER C 196 -12.91 25.04 -3.30
N TYR C 197 -11.59 24.93 -3.16
CA TYR C 197 -10.84 23.78 -3.67
C TYR C 197 -9.96 23.32 -2.56
N THR C 198 -9.91 22.00 -2.36
CA THR C 198 -9.22 21.42 -1.22
C THR C 198 -8.46 20.16 -1.62
N CYS C 199 -7.24 20.06 -1.11
CA CYS C 199 -6.41 18.88 -1.25
C CYS C 199 -6.18 18.30 0.15
N GLU C 200 -6.60 17.06 0.38
CA GLU C 200 -6.45 16.45 1.70
C GLU C 200 -5.56 15.20 1.62
N ALA C 201 -4.47 15.25 2.39
CA ALA C 201 -3.48 14.19 2.50
C ALA C 201 -3.78 13.20 3.64
N THR C 202 -3.87 11.92 3.33
CA THR C 202 -3.98 10.90 4.38
C THR C 202 -2.76 9.99 4.38
N HIS C 203 -2.15 9.88 5.55
CA HIS C 203 -0.85 9.27 5.72
C HIS C 203 -0.76 8.68 7.11
N LYS C 204 -0.15 7.50 7.23
CA LYS C 204 -0.04 6.82 8.53
C LYS C 204 0.44 7.75 9.66
N THR C 205 1.09 8.86 9.33
CA THR C 205 1.64 9.79 10.32
C THR C 205 0.57 10.56 11.12
N SER C 206 -0.68 10.54 10.65
CA SER C 206 -1.79 11.09 11.42
C SER C 206 -3.08 10.35 11.15
N THR C 207 -4.07 10.63 12.00
CA THR C 207 -5.40 10.04 11.90
C THR C 207 -6.30 10.94 11.05
N SER C 208 -6.13 12.25 11.22
CA SER C 208 -6.86 13.26 10.48
C SER C 208 -6.02 13.68 9.29
N PRO C 209 -6.66 13.97 8.14
CA PRO C 209 -5.90 14.39 6.96
C PRO C 209 -5.16 15.72 7.16
N ILE C 210 -4.14 15.99 6.34
CA ILE C 210 -3.60 17.34 6.27
C ILE C 210 -4.35 18.03 5.14
N VAL C 211 -4.97 19.17 5.47
CA VAL C 211 -5.87 19.83 4.53
C VAL C 211 -5.30 21.17 4.12
N LYS C 212 -5.31 21.43 2.81
CA LYS C 212 -5.01 22.74 2.29
C LYS C 212 -6.11 23.10 1.32
N SER C 213 -6.54 24.35 1.35
CA SER C 213 -7.58 24.84 0.42
C SER C 213 -7.37 26.29 0.05
N PHE C 214 -8.08 26.69 -0.98
CA PHE C 214 -8.17 28.08 -1.30
C PHE C 214 -9.57 28.33 -1.79
N ASN C 215 -10.02 29.57 -1.62
CA ASN C 215 -11.27 30.08 -2.17
C ASN C 215 -10.94 31.04 -3.30
N ARG C 216 -11.69 30.98 -4.40
CA ARG C 216 -11.41 31.79 -5.59
C ARG C 216 -11.50 33.32 -5.46
N ASN C 217 -12.51 33.84 -4.78
CA ASN C 217 -12.69 35.30 -4.71
C ASN C 217 -12.27 35.84 -3.35
N GLU D 1 40.05 4.84 -18.49
CA GLU D 1 38.75 4.18 -18.18
C GLU D 1 37.94 4.02 -19.48
N VAL D 2 37.14 2.95 -19.56
CA VAL D 2 36.29 2.76 -20.73
C VAL D 2 35.08 3.69 -20.68
N LYS D 3 34.79 4.35 -21.79
CA LYS D 3 33.55 5.12 -21.92
C LYS D 3 32.79 4.72 -23.16
N VAL D 4 31.53 4.39 -22.96
CA VAL D 4 30.60 4.06 -24.05
C VAL D 4 29.56 5.18 -24.16
N GLU D 5 29.37 5.70 -25.35
CA GLU D 5 28.53 6.86 -25.54
C GLU D 5 27.64 6.75 -26.78
N GLU D 6 26.34 6.63 -26.52
CA GLU D 6 25.33 6.47 -27.58
C GLU D 6 24.82 7.81 -28.04
N SER D 7 24.38 7.85 -29.31
CA SER D 7 23.65 8.98 -29.87
C SER D 7 22.69 8.55 -30.97
N GLY D 8 21.87 9.52 -31.36
CA GLY D 8 21.07 9.43 -32.57
C GLY D 8 19.60 9.13 -32.29
N GLY D 9 19.25 8.93 -31.03
CA GLY D 9 17.85 8.76 -30.64
C GLY D 9 16.99 10.00 -30.82
N GLY D 10 15.69 9.79 -30.92
CA GLY D 10 14.76 10.88 -31.08
C GLY D 10 13.35 10.34 -31.29
N LEU D 11 12.55 11.13 -31.99
CA LEU D 11 11.16 10.85 -32.23
C LEU D 11 10.97 10.32 -33.63
N VAL D 12 10.20 9.25 -33.78
CA VAL D 12 9.80 8.83 -35.11
C VAL D 12 8.36 8.32 -35.06
N GLN D 13 7.65 8.44 -36.18
CA GLN D 13 6.26 7.93 -36.24
C GLN D 13 6.30 6.44 -36.35
N PRO D 14 5.29 5.74 -35.79
CA PRO D 14 5.22 4.31 -36.02
C PRO D 14 5.24 4.00 -37.48
N GLY D 15 5.97 2.94 -37.85
CA GLY D 15 6.20 2.56 -39.22
C GLY D 15 7.50 3.18 -39.75
N GLY D 16 8.14 3.99 -38.94
CA GLY D 16 9.33 4.73 -39.38
C GLY D 16 10.58 3.97 -39.02
N SER D 17 11.71 4.62 -39.28
CA SER D 17 13.03 4.02 -39.22
C SER D 17 13.95 5.02 -38.50
N MET D 18 15.00 4.51 -37.88
CA MET D 18 15.99 5.34 -37.19
C MET D 18 17.25 4.51 -37.09
N LYS D 19 18.41 5.18 -37.18
CA LYS D 19 19.69 4.54 -36.96
C LYS D 19 20.35 5.20 -35.77
N ILE D 20 20.71 4.42 -34.78
CA ILE D 20 21.43 4.95 -33.62
C ILE D 20 22.82 4.33 -33.62
N SER D 21 23.69 4.88 -32.78
CA SER D 21 25.07 4.44 -32.75
C SER D 21 25.69 4.72 -31.41
N CYS D 22 26.84 4.13 -31.17
CA CYS D 22 27.62 4.53 -30.01
C CYS D 22 29.07 4.38 -30.35
N VAL D 23 29.88 5.23 -29.73
CA VAL D 23 31.33 5.16 -29.86
C VAL D 23 31.94 4.74 -28.51
N VAL D 24 32.99 3.94 -28.56
CA VAL D 24 33.66 3.49 -27.38
C VAL D 24 35.16 3.89 -27.42
N SER D 25 35.66 4.28 -26.25
CA SER D 25 37.04 4.70 -26.08
C SER D 25 37.59 4.02 -24.83
N GLY D 26 38.92 3.95 -24.71
CA GLY D 26 39.52 3.35 -23.55
C GLY D 26 39.70 1.86 -23.64
N LEU D 27 39.37 1.27 -24.78
CA LEU D 27 39.64 -0.10 -25.08
C LEU D 27 39.82 -0.28 -26.60
N THR D 28 40.34 -1.44 -26.99
CA THR D 28 40.47 -1.81 -28.38
C THR D 28 39.10 -2.33 -28.84
N PHE D 29 38.31 -1.42 -29.40
CA PHE D 29 36.97 -1.70 -29.89
C PHE D 29 36.87 -3.04 -30.64
N SER D 30 37.73 -3.26 -31.64
CA SER D 30 37.70 -4.47 -32.50
C SER D 30 37.79 -5.84 -31.79
N ASN D 31 38.15 -5.82 -30.50
CA ASN D 31 38.35 -7.03 -29.71
C ASN D 31 37.12 -7.45 -28.87
N TYR D 32 36.06 -6.65 -28.86
CA TYR D 32 34.94 -6.87 -27.96
C TYR D 32 33.65 -7.20 -28.69
N TRP D 33 32.88 -8.14 -28.15
CA TRP D 33 31.53 -8.32 -28.59
C TRP D 33 30.73 -7.10 -28.17
N MET D 34 29.75 -6.76 -29.00
CA MET D 34 28.93 -5.58 -28.81
C MET D 34 27.46 -5.98 -28.91
N SER D 35 26.64 -5.40 -28.04
CA SER D 35 25.19 -5.64 -28.04
C SER D 35 24.42 -4.36 -27.78
N TRP D 36 23.12 -4.41 -28.09
CA TRP D 36 22.20 -3.37 -27.73
C TRP D 36 21.15 -3.95 -26.80
N VAL D 37 20.87 -3.21 -25.74
CA VAL D 37 19.92 -3.57 -24.67
C VAL D 37 19.05 -2.35 -24.48
N ARG D 38 17.74 -2.55 -24.53
CA ARG D 38 16.81 -1.44 -24.34
C ARG D 38 16.09 -1.54 -23.02
N GLN D 39 15.64 -0.39 -22.54
CA GLN D 39 14.96 -0.30 -21.25
C GLN D 39 13.65 0.43 -21.40
N SER D 40 12.55 -0.20 -21.00
CA SER D 40 11.28 0.50 -20.88
C SER D 40 10.62 0.26 -19.52
N PRO D 41 9.67 1.14 -19.12
CA PRO D 41 8.80 0.86 -17.97
C PRO D 41 8.11 -0.51 -17.98
N GLU D 42 7.79 -1.08 -19.15
CA GLU D 42 7.01 -2.34 -19.19
C GLU D 42 7.76 -3.66 -19.46
N LYS D 43 9.04 -3.63 -19.88
CA LYS D 43 9.81 -4.88 -20.06
C LYS D 43 11.17 -4.90 -19.34
N GLY D 44 11.41 -3.96 -18.44
CA GLY D 44 12.76 -3.77 -17.87
C GLY D 44 13.83 -3.74 -18.96
N LEU D 45 14.96 -4.41 -18.73
CA LEU D 45 16.02 -4.55 -19.73
C LEU D 45 15.82 -5.73 -20.66
N GLU D 46 15.86 -5.44 -21.95
CA GLU D 46 15.71 -6.43 -23.00
C GLU D 46 16.86 -6.34 -23.98
N TRP D 47 17.66 -7.40 -24.04
CA TRP D 47 18.69 -7.56 -25.05
C TRP D 47 18.03 -7.64 -26.41
N VAL D 48 18.54 -6.90 -27.38
CA VAL D 48 17.92 -7.01 -28.72
C VAL D 48 18.81 -7.47 -29.83
N ALA D 49 20.11 -7.20 -29.74
CA ALA D 49 20.93 -7.53 -30.83
C ALA D 49 22.39 -7.52 -30.45
N GLU D 50 23.18 -8.33 -31.16
CA GLU D 50 24.58 -8.53 -30.80
C GLU D 50 25.38 -8.81 -32.02
N ILE D 51 26.61 -8.31 -32.03
CA ILE D 51 27.51 -8.55 -33.12
C ILE D 51 28.89 -9.02 -32.60
N ARG D 52 29.50 -9.98 -33.28
CA ARG D 52 30.77 -10.51 -32.82
C ARG D 52 31.94 -9.88 -33.62
N LEU D 53 33.10 -10.51 -33.61
CA LEU D 53 34.34 -9.92 -34.15
C LEU D 53 34.51 -10.20 -35.63
N LYS D 54 35.43 -9.47 -36.27
CA LYS D 54 35.84 -9.77 -37.65
C LYS D 54 36.23 -11.23 -37.82
N SER D 55 36.96 -11.76 -36.85
CA SER D 55 37.37 -13.17 -36.88
C SER D 55 36.18 -14.11 -36.73
N ASP D 56 35.02 -13.56 -36.34
CA ASP D 56 33.78 -14.34 -36.29
C ASP D 56 32.91 -14.07 -37.51
N ASN D 57 33.50 -13.43 -38.53
CA ASN D 57 32.77 -12.97 -39.71
C ASN D 57 31.64 -12.04 -39.36
N TYR D 58 31.86 -11.21 -38.32
CA TYR D 58 30.89 -10.26 -37.81
C TYR D 58 29.51 -10.91 -37.59
N ALA D 59 29.52 -12.10 -37.02
CA ALA D 59 28.26 -12.82 -36.73
C ALA D 59 27.31 -12.00 -35.84
N THR D 60 26.04 -12.00 -36.24
CA THR D 60 24.98 -11.26 -35.59
C THR D 60 23.92 -12.19 -35.00
N TYR D 61 23.32 -11.73 -33.90
CA TYR D 61 22.22 -12.39 -33.20
C TYR D 61 21.22 -11.32 -32.82
N TYR D 62 19.94 -11.70 -32.86
CA TYR D 62 18.85 -10.84 -32.60
C TYR D 62 17.84 -11.50 -31.70
N ALA D 63 17.18 -10.67 -30.90
CA ALA D 63 16.01 -11.11 -30.17
C ALA D 63 14.87 -11.50 -31.14
N GLU D 64 14.17 -12.59 -30.82
CA GLU D 64 13.02 -12.97 -31.65
C GLU D 64 12.06 -11.81 -31.97
N SER D 65 11.78 -10.97 -30.97
CA SER D 65 10.92 -9.80 -31.11
C SER D 65 11.33 -8.75 -32.14
N VAL D 66 12.61 -8.72 -32.52
CA VAL D 66 13.07 -7.69 -33.45
C VAL D 66 13.70 -8.25 -34.72
N LYS D 67 14.01 -9.55 -34.75
CA LYS D 67 14.67 -10.17 -35.89
C LYS D 67 13.95 -9.70 -37.14
N GLY D 68 14.72 -9.26 -38.12
CA GLY D 68 14.14 -8.85 -39.38
C GLY D 68 13.53 -7.46 -39.42
N LYS D 69 13.48 -6.76 -38.28
CA LYS D 69 13.23 -5.30 -38.24
C LYS D 69 14.54 -4.52 -38.02
N PHE D 70 15.44 -5.12 -37.25
CA PHE D 70 16.64 -4.42 -36.73
C PHE D 70 17.88 -5.02 -37.35
N THR D 71 18.89 -4.19 -37.62
CA THR D 71 20.14 -4.67 -38.14
C THR D 71 21.27 -4.03 -37.36
N ILE D 72 22.14 -4.84 -36.80
CA ILE D 72 23.29 -4.37 -36.05
C ILE D 72 24.52 -4.45 -36.94
N SER D 73 25.40 -3.45 -36.81
CA SER D 73 26.65 -3.38 -37.52
C SER D 73 27.70 -2.62 -36.69
N ARG D 74 28.94 -2.72 -37.12
CA ARG D 74 30.07 -2.14 -36.43
C ARG D 74 31.06 -1.65 -37.47
N ASP D 75 31.76 -0.58 -37.11
CA ASP D 75 32.87 -0.03 -37.90
C ASP D 75 34.05 0.03 -36.95
N ASP D 76 34.91 -0.98 -37.02
CA ASP D 76 35.99 -1.10 -36.06
C ASP D 76 36.97 0.06 -36.20
N SER D 77 37.18 0.51 -37.44
CA SER D 77 38.11 1.62 -37.72
C SER D 77 37.60 2.94 -37.14
N LYS D 78 36.30 3.01 -36.86
CA LYS D 78 35.69 4.18 -36.25
C LYS D 78 35.32 3.94 -34.77
N SER D 79 35.59 2.74 -34.24
CA SER D 79 35.16 2.41 -32.87
C SER D 79 33.67 2.72 -32.64
N ARG D 80 32.85 2.47 -33.66
CA ARG D 80 31.45 2.84 -33.67
C ARG D 80 30.59 1.57 -33.89
N LEU D 81 29.59 1.43 -33.05
CA LEU D 81 28.58 0.40 -33.21
C LEU D 81 27.29 1.10 -33.64
N TYR D 82 26.48 0.45 -34.49
CA TYR D 82 25.22 1.00 -35.01
C TYR D 82 24.05 0.05 -34.80
N LEU D 83 22.85 0.61 -34.64
CA LEU D 83 21.58 -0.19 -34.73
C LEU D 83 20.65 0.52 -35.69
N GLN D 84 20.37 -0.12 -36.82
CA GLN D 84 19.42 0.37 -37.79
C GLN D 84 18.11 -0.28 -37.49
N MET D 85 17.07 0.55 -37.26
CA MET D 85 15.75 0.06 -36.83
C MET D 85 14.71 0.46 -37.85
N ASN D 86 14.00 -0.52 -38.42
CA ASN D 86 12.97 -0.27 -39.42
C ASN D 86 11.62 -0.73 -38.86
N ASN D 87 10.54 -0.15 -39.38
CA ASN D 87 9.16 -0.43 -38.91
C ASN D 87 9.04 -0.38 -37.40
N LEU D 88 9.53 0.72 -36.84
CA LEU D 88 9.46 0.94 -35.41
C LEU D 88 8.00 1.08 -34.99
N ARG D 89 7.67 0.50 -33.85
CA ARG D 89 6.32 0.63 -33.29
C ARG D 89 6.39 0.97 -31.84
N THR D 90 5.21 1.20 -31.27
CA THR D 90 5.06 1.63 -29.89
C THR D 90 5.92 0.81 -28.94
N GLU D 91 5.95 -0.51 -29.15
CA GLU D 91 6.69 -1.45 -28.29
C GLU D 91 8.22 -1.26 -28.33
N ASP D 92 8.70 -0.51 -29.33
CA ASP D 92 10.14 -0.25 -29.47
C ASP D 92 10.61 1.06 -28.81
N THR D 93 9.68 1.84 -28.30
CA THR D 93 10.00 3.03 -27.48
C THR D 93 10.79 2.63 -26.24
N GLY D 94 11.91 3.32 -26.00
CA GLY D 94 12.64 3.03 -24.81
C GLY D 94 13.98 3.73 -24.85
N ILE D 95 14.79 3.44 -23.83
CA ILE D 95 16.18 3.88 -23.79
C ILE D 95 17.06 2.79 -24.30
N TYR D 96 17.85 3.06 -25.34
CA TYR D 96 18.74 2.06 -25.89
C TYR D 96 20.19 2.24 -25.44
N TYR D 97 20.78 1.16 -24.90
CA TYR D 97 22.13 1.16 -24.40
C TYR D 97 23.00 0.28 -25.22
N CYS D 98 24.24 0.72 -25.47
CA CYS D 98 25.28 -0.20 -25.92
C CYS D 98 25.80 -0.93 -24.72
N PHE D 99 25.82 -2.25 -24.82
CA PHE D 99 26.28 -3.11 -23.74
C PHE D 99 27.36 -4.00 -24.32
N LEU D 100 28.55 -3.89 -23.74
CA LEU D 100 29.69 -4.71 -24.09
C LEU D 100 29.66 -5.84 -23.10
N PRO D 101 29.17 -7.03 -23.53
CA PRO D 101 28.97 -8.01 -22.47
C PRO D 101 30.30 -8.53 -21.92
N MET D 102 30.48 -8.64 -20.61
CA MET D 102 29.48 -8.41 -19.56
C MET D 102 29.84 -7.17 -18.73
N ASP D 103 30.87 -6.44 -19.13
CA ASP D 103 31.48 -5.42 -18.24
C ASP D 103 31.08 -3.95 -18.41
N TYR D 104 30.71 -3.51 -19.61
CA TYR D 104 30.50 -2.06 -19.86
C TYR D 104 29.17 -1.66 -20.47
N TRP D 105 28.55 -0.64 -19.87
CA TRP D 105 27.36 0.02 -20.40
C TRP D 105 27.63 1.47 -20.79
N GLY D 106 26.89 1.95 -21.79
CA GLY D 106 26.78 3.34 -22.08
C GLY D 106 25.72 4.05 -21.29
N GLN D 107 25.36 5.26 -21.74
CA GLN D 107 24.44 6.13 -21.02
C GLN D 107 23.00 6.00 -21.47
N GLY D 108 22.81 5.43 -22.65
CA GLY D 108 21.48 5.31 -23.23
C GLY D 108 21.17 6.47 -24.13
N THR D 109 20.47 6.19 -25.22
CA THR D 109 19.88 7.21 -26.05
C THR D 109 18.37 6.88 -26.14
N SER D 110 17.54 7.91 -26.00
CA SER D 110 16.10 7.77 -25.97
C SER D 110 15.43 7.70 -27.37
N VAL D 111 14.58 6.68 -27.58
CA VAL D 111 13.89 6.40 -28.84
C VAL D 111 12.39 6.39 -28.50
N THR D 112 11.67 7.33 -29.10
CA THR D 112 10.27 7.51 -28.88
C THR D 112 9.62 7.25 -30.21
N VAL D 113 8.69 6.29 -30.22
CA VAL D 113 7.92 6.00 -31.39
C VAL D 113 6.47 6.35 -31.10
N SER D 114 5.95 7.37 -31.79
CA SER D 114 4.64 7.93 -31.53
C SER D 114 4.16 8.81 -32.70
N SER D 115 2.84 8.95 -32.84
CA SER D 115 2.28 9.91 -33.82
C SER D 115 2.20 11.33 -33.29
N ALA D 116 2.44 11.53 -32.00
CA ALA D 116 2.43 12.89 -31.43
C ALA D 116 3.60 13.70 -32.00
N LYS D 117 3.43 14.99 -32.17
CA LYS D 117 4.50 15.78 -32.79
C LYS D 117 5.25 16.60 -31.77
N THR D 118 6.47 16.97 -32.10
CA THR D 118 7.26 17.81 -31.23
C THR D 118 6.51 19.11 -30.98
N THR D 119 6.32 19.44 -29.70
CA THR D 119 5.53 20.56 -29.23
C THR D 119 6.20 21.10 -27.95
N PRO D 120 6.50 22.42 -27.90
CA PRO D 120 7.17 22.91 -26.70
C PRO D 120 6.19 23.03 -25.54
N PRO D 121 6.70 23.05 -24.30
CA PRO D 121 5.80 23.15 -23.17
C PRO D 121 5.21 24.53 -22.98
N SER D 122 4.08 24.56 -22.27
CA SER D 122 3.57 25.81 -21.68
C SER D 122 3.99 25.78 -20.23
N VAL D 123 4.62 26.86 -19.77
CA VAL D 123 5.14 26.89 -18.42
C VAL D 123 4.35 27.92 -17.64
N TYR D 124 3.78 27.49 -16.52
CA TYR D 124 2.92 28.31 -15.70
C TYR D 124 3.50 28.44 -14.32
N PRO D 125 3.53 29.65 -13.76
CA PRO D 125 4.09 29.76 -12.41
C PRO D 125 3.07 29.28 -11.39
N LEU D 126 3.54 28.68 -10.30
CA LEU D 126 2.68 28.36 -9.17
C LEU D 126 3.06 29.21 -7.96
N ALA D 127 2.27 30.24 -7.70
CA ALA D 127 2.51 31.08 -6.53
C ALA D 127 1.50 30.73 -5.44
N PRO D 128 1.90 30.86 -4.16
CA PRO D 128 1.01 30.49 -3.10
C PRO D 128 -0.08 31.56 -2.82
N SER D 136 7.85 31.25 7.28
CA SER D 136 9.22 30.77 7.52
C SER D 136 9.85 30.25 6.24
N MET D 137 9.40 29.06 5.80
CA MET D 137 9.76 28.50 4.50
C MET D 137 8.52 28.55 3.62
N VAL D 138 8.69 28.96 2.36
CA VAL D 138 7.60 29.03 1.37
C VAL D 138 7.88 28.10 0.20
N THR D 139 6.83 27.44 -0.29
CA THR D 139 6.93 26.53 -1.42
C THR D 139 6.30 27.15 -2.64
N LEU D 140 7.06 27.13 -3.74
CA LEU D 140 6.64 27.68 -5.03
C LEU D 140 6.74 26.55 -6.00
N GLY D 141 6.13 26.71 -7.17
CA GLY D 141 6.24 25.71 -8.23
C GLY D 141 6.07 26.20 -9.64
N CYS D 142 6.34 25.32 -10.59
CA CYS D 142 6.11 25.56 -12.02
C CYS D 142 5.37 24.33 -12.55
N LEU D 143 4.44 24.56 -13.44
CA LEU D 143 3.69 23.50 -14.13
C LEU D 143 4.11 23.60 -15.57
N VAL D 144 4.65 22.50 -16.08
CA VAL D 144 5.16 22.41 -17.41
C VAL D 144 4.25 21.44 -18.14
N LYS D 145 3.46 21.97 -19.05
CA LYS D 145 2.32 21.26 -19.58
C LYS D 145 2.34 21.21 -21.10
N GLY D 146 1.90 20.06 -21.64
CA GLY D 146 1.60 19.95 -23.05
C GLY D 146 2.80 19.89 -23.96
N TYR D 147 3.84 19.16 -23.57
CA TYR D 147 5.02 19.00 -24.40
C TYR D 147 5.20 17.58 -24.88
N PHE D 148 6.03 17.43 -25.89
CA PHE D 148 6.37 16.14 -26.49
C PHE D 148 7.57 16.32 -27.42
N PRO D 149 8.48 15.34 -27.49
CA PRO D 149 8.65 14.22 -26.57
C PRO D 149 9.28 14.65 -25.24
N GLU D 150 9.53 13.67 -24.38
CA GLU D 150 10.41 13.86 -23.26
C GLU D 150 11.81 13.99 -23.81
N PRO D 151 12.73 14.58 -23.04
CA PRO D 151 12.60 15.19 -21.75
C PRO D 151 12.51 16.72 -21.76
N VAL D 152 12.19 17.25 -20.59
CA VAL D 152 12.41 18.66 -20.28
C VAL D 152 13.40 18.71 -19.15
N THR D 153 14.07 19.84 -18.99
CA THR D 153 14.95 20.03 -17.85
C THR D 153 14.45 21.23 -17.11
N VAL D 154 14.26 21.08 -15.80
CA VAL D 154 13.82 22.17 -14.96
C VAL D 154 14.93 22.57 -13.97
N THR D 155 15.06 23.86 -13.78
CA THR D 155 16.07 24.41 -12.91
C THR D 155 15.49 25.64 -12.28
N TRP D 156 15.93 26.00 -11.06
CA TRP D 156 15.39 27.17 -10.37
C TRP D 156 16.53 28.18 -10.08
N ASN D 157 16.36 29.41 -10.51
CA ASN D 157 17.41 30.47 -10.44
C ASN D 157 18.73 29.99 -11.01
N SER D 158 18.63 29.49 -12.25
CA SER D 158 19.70 28.87 -13.02
C SER D 158 20.59 27.82 -12.31
N GLY D 159 19.99 27.07 -11.39
CA GLY D 159 20.69 26.05 -10.64
C GLY D 159 20.93 26.40 -9.18
N SER D 160 20.92 27.69 -8.81
CA SER D 160 21.41 28.05 -7.46
C SER D 160 20.49 27.57 -6.36
N LEU D 161 19.20 27.47 -6.65
CA LEU D 161 18.28 26.75 -5.78
C LEU D 161 18.23 25.30 -6.30
N SER D 162 19.12 24.48 -5.75
CA SER D 162 19.23 23.10 -6.13
C SER D 162 18.61 22.27 -5.03
N SER D 163 19.07 22.52 -3.80
CA SER D 163 18.56 21.80 -2.66
C SER D 163 17.12 22.24 -2.40
N GLY D 164 16.28 21.36 -1.89
CA GLY D 164 14.85 21.72 -1.69
C GLY D 164 14.02 21.85 -2.97
N VAL D 165 14.54 21.35 -4.09
CA VAL D 165 13.77 21.26 -5.33
C VAL D 165 13.21 19.85 -5.44
N HIS D 166 11.99 19.70 -5.93
CA HIS D 166 11.43 18.37 -6.26
C HIS D 166 10.83 18.47 -7.65
N THR D 167 11.40 17.75 -8.60
CA THR D 167 10.89 17.79 -9.97
C THR D 167 10.27 16.43 -10.21
N PHE D 168 8.99 16.43 -10.53
CA PHE D 168 8.19 15.21 -10.51
C PHE D 168 8.19 14.54 -11.87
N PRO D 169 8.10 13.20 -11.89
CA PRO D 169 8.08 12.55 -13.20
C PRO D 169 6.97 13.04 -14.11
N ALA D 170 7.20 13.09 -15.42
CA ALA D 170 6.18 13.56 -16.35
C ALA D 170 5.16 12.47 -16.52
N VAL D 171 3.91 12.85 -16.73
CA VAL D 171 2.84 11.90 -17.07
C VAL D 171 2.19 12.31 -18.41
N LEU D 172 1.93 11.29 -19.22
CA LEU D 172 1.28 11.44 -20.50
C LEU D 172 -0.22 11.70 -20.31
N GLN D 173 -0.67 12.91 -20.65
CA GLN D 173 -2.07 13.29 -20.53
C GLN D 173 -2.52 13.95 -21.83
N SER D 174 -3.56 13.39 -22.45
CA SER D 174 -4.13 13.92 -23.69
C SER D 174 -3.08 13.90 -24.80
N ASP D 175 -2.31 12.81 -24.78
CA ASP D 175 -1.27 12.53 -25.74
C ASP D 175 -0.07 13.51 -25.70
N LEU D 176 0.05 14.23 -24.58
CA LEU D 176 1.19 15.12 -24.32
C LEU D 176 1.67 14.90 -22.89
N TYR D 177 2.87 15.38 -22.59
CA TYR D 177 3.46 15.22 -21.25
C TYR D 177 3.22 16.43 -20.37
N THR D 178 3.04 16.17 -19.08
CA THR D 178 2.96 17.26 -18.11
C THR D 178 3.82 16.93 -16.91
N LEU D 179 4.56 17.90 -16.43
CA LEU D 179 5.19 17.72 -15.14
C LEU D 179 5.07 18.97 -14.32
N SER D 180 5.37 18.83 -13.04
CA SER D 180 5.51 19.96 -12.16
C SER D 180 6.82 19.88 -11.36
N SER D 181 7.20 21.01 -10.79
CA SER D 181 8.40 21.10 -9.98
C SER D 181 8.07 21.98 -8.81
N SER D 182 8.53 21.64 -7.61
CA SER D 182 8.37 22.51 -6.48
C SER D 182 9.74 22.98 -6.00
N VAL D 183 9.76 24.11 -5.32
CA VAL D 183 10.98 24.58 -4.63
C VAL D 183 10.57 25.27 -3.34
N THR D 184 11.29 24.99 -2.26
CA THR D 184 11.08 25.64 -0.98
C THR D 184 12.21 26.65 -0.73
N VAL D 185 11.84 27.89 -0.40
CA VAL D 185 12.80 28.95 -0.12
C VAL D 185 12.45 29.69 1.17
N PRO D 186 13.42 30.40 1.79
CA PRO D 186 13.03 31.22 2.93
C PRO D 186 12.02 32.32 2.54
N SER D 187 11.07 32.58 3.42
CA SER D 187 10.14 33.69 3.23
C SER D 187 10.86 35.03 3.26
N SER D 188 12.04 35.07 3.85
CA SER D 188 12.85 36.27 3.86
C SER D 188 13.40 36.58 2.47
N THR D 189 13.56 35.54 1.63
CA THR D 189 14.12 35.68 0.30
C THR D 189 13.06 35.97 -0.76
N TRP D 190 11.92 35.29 -0.64
CA TRP D 190 10.81 35.47 -1.59
C TRP D 190 9.60 36.02 -0.85
N PRO D 191 8.88 36.98 -1.43
CA PRO D 191 9.06 37.63 -2.71
C PRO D 191 10.02 38.82 -2.77
N SER D 192 10.70 39.18 -1.69
CA SER D 192 11.64 40.33 -1.75
C SER D 192 12.71 40.23 -2.86
N GLU D 193 13.13 39.02 -3.18
CA GLU D 193 14.03 38.78 -4.32
C GLU D 193 13.40 37.71 -5.22
N THR D 194 13.88 37.62 -6.46
CA THR D 194 13.22 36.87 -7.53
C THR D 194 13.42 35.34 -7.43
N VAL D 195 12.37 34.58 -7.77
CA VAL D 195 12.53 33.15 -7.95
C VAL D 195 11.92 32.78 -9.29
N THR D 196 12.71 32.10 -10.11
CA THR D 196 12.41 31.87 -11.51
C THR D 196 12.69 30.41 -11.82
N CYS D 197 11.77 29.74 -12.51
CA CYS D 197 12.06 28.39 -12.94
C CYS D 197 12.40 28.47 -14.39
N ASN D 198 13.45 27.74 -14.75
CA ASN D 198 13.97 27.77 -16.08
C ASN D 198 13.67 26.42 -16.69
N VAL D 199 13.04 26.39 -17.83
CA VAL D 199 12.62 25.11 -18.45
C VAL D 199 13.22 25.02 -19.82
N ALA D 200 13.96 23.94 -20.05
CA ALA D 200 14.52 23.66 -21.36
C ALA D 200 13.81 22.44 -21.93
N HIS D 201 13.41 22.56 -23.20
CA HIS D 201 12.94 21.43 -24.02
C HIS D 201 13.77 21.37 -25.30
N PRO D 202 14.87 20.59 -25.29
CA PRO D 202 15.79 20.59 -26.45
C PRO D 202 15.13 20.17 -27.76
N ALA D 203 14.16 19.27 -27.72
CA ALA D 203 13.47 18.86 -28.95
C ALA D 203 12.90 20.02 -29.76
N SER D 204 12.27 20.99 -29.10
CA SER D 204 11.71 22.17 -29.80
C SER D 204 12.64 23.37 -29.64
N SER D 205 13.87 23.12 -29.21
CA SER D 205 14.92 24.15 -29.00
C SER D 205 14.39 25.31 -28.17
N THR D 206 13.64 24.97 -27.12
CA THR D 206 12.88 25.92 -26.31
C THR D 206 13.56 26.19 -24.96
N LYS D 207 13.65 27.47 -24.58
CA LYS D 207 14.22 27.88 -23.30
C LYS D 207 13.34 28.98 -22.73
N VAL D 208 12.61 28.68 -21.66
CA VAL D 208 11.69 29.63 -21.07
C VAL D 208 12.03 29.82 -19.59
N ASP D 209 12.06 31.06 -19.11
CA ASP D 209 12.20 31.35 -17.67
C ASP D 209 10.85 31.92 -17.20
N LYS D 210 10.27 31.39 -16.15
CA LYS D 210 9.04 31.95 -15.64
C LYS D 210 9.25 32.42 -14.22
N LYS D 211 9.17 33.74 -14.03
CA LYS D 211 9.26 34.33 -12.71
C LYS D 211 8.01 33.99 -11.93
N ILE D 212 8.17 33.63 -10.67
CA ILE D 212 7.02 33.39 -9.82
C ILE D 212 6.74 34.73 -9.15
N VAL D 213 5.68 35.41 -9.59
CA VAL D 213 5.28 36.68 -8.97
C VAL D 213 4.23 36.41 -7.89
N PRO D 214 4.33 37.11 -6.76
CA PRO D 214 3.37 36.89 -5.68
C PRO D 214 2.00 37.41 -6.11
N ARG D 215 0.95 36.84 -5.52
CA ARG D 215 -0.43 37.24 -5.88
C ARG D 215 -0.91 38.47 -5.11
#